data_2OS2
#
_entry.id   2OS2
#
_cell.length_a   100.943
_cell.length_b   148.886
_cell.length_c   56.975
_cell.angle_alpha   90.00
_cell.angle_beta   90.00
_cell.angle_gamma   90.00
#
_symmetry.space_group_name_H-M   'P 21 21 2'
#
loop_
_entity.id
_entity.type
_entity.pdbx_description
1 polymer 'JmjC domain-containing histone demethylation protein 3A'
2 polymer 'histone 3 peptide'
3 non-polymer 'NICKEL (II) ION'
4 non-polymer 'ZINC ION'
5 non-polymer N-OXALYLGLYCINE
6 water water
#
loop_
_entity_poly.entity_id
_entity_poly.type
_entity_poly.pdbx_seq_one_letter_code
_entity_poly.pdbx_strand_id
1 'polypeptide(L)'
;MHHHHHHSSGVDLGTENLYFQSMASESETLNPSARIMTFYPTMEEFRNFSRYIAYIESQGAHRAGLAKVVPPKEWKPRAS
YDDIDDLVIPAPIQQLVTGQSGLFTQYNIQKKAMTVREFRKIANSDKYCTPRYSEFEELERKYWKNLTFNPPIYGADVNG
TLYEKHVDEWNIGRLRTILDLVEKESGITIEGVNTPYLYFGMWKTSFAWHTEDMDLYSINYLHFGEPKSWYSVPPEHGKR
LERLAKGFFPGSAQSCEAFLRHKMTLISPLMLKKYGIPFDKVTQEAGEFMITFPYGYHAGFNHGFNCAESTNFATRRWIE
YGKQAVLCSCRKDMVKISMDVFVRKFQPERYKLWKAGKDNTVIDHTLPTPEAAEFLKESEL
;
A,B
2 'polypeptide(L)' STGGV(M3L)KPHRY C,D
#
# COMPACT_ATOMS: atom_id res chain seq x y z
N LEU A 30 -1.86 -4.92 20.57
CA LEU A 30 -1.92 -6.38 20.24
C LEU A 30 -1.44 -6.64 18.78
N ASN A 31 -0.21 -7.14 18.61
CA ASN A 31 0.41 -7.29 17.30
C ASN A 31 0.28 -6.04 16.43
N PRO A 32 0.71 -4.87 16.95
CA PRO A 32 0.59 -3.62 16.20
C PRO A 32 1.36 -3.59 14.87
N SER A 33 2.44 -4.37 14.76
CA SER A 33 3.16 -4.54 13.47
C SER A 33 2.36 -5.35 12.43
N ALA A 34 1.33 -6.05 12.89
CA ALA A 34 0.51 -6.95 12.05
C ALA A 34 1.33 -8.01 11.34
N ARG A 35 2.37 -8.51 12.01
CA ARG A 35 3.28 -9.51 11.44
C ARG A 35 2.78 -10.93 11.68
N ILE A 36 3.16 -11.86 10.81
CA ILE A 36 2.78 -13.28 10.93
C ILE A 36 3.36 -13.92 12.20
N MET A 37 2.48 -14.44 13.05
CA MET A 37 2.87 -15.05 14.30
C MET A 37 2.83 -16.56 14.19
N THR A 38 3.70 -17.20 14.97
CA THR A 38 3.82 -18.65 15.04
C THR A 38 3.58 -19.06 16.48
N PHE A 39 2.84 -20.15 16.66
CA PHE A 39 2.45 -20.64 17.99
C PHE A 39 2.85 -22.12 18.12
N TYR A 40 3.10 -22.54 19.36
CA TYR A 40 3.56 -23.90 19.70
C TYR A 40 2.70 -24.44 20.83
N PRO A 41 1.44 -24.78 20.54
CA PRO A 41 0.54 -25.28 21.56
C PRO A 41 1.01 -26.60 22.17
N THR A 42 0.79 -26.74 23.48
CA THR A 42 0.91 -28.03 24.15
C THR A 42 -0.32 -28.86 23.78
N MET A 43 -0.29 -30.16 24.05
CA MET A 43 -1.36 -31.06 23.63
C MET A 43 -2.70 -30.73 24.33
N GLU A 44 -2.63 -30.19 25.54
CA GLU A 44 -3.83 -29.76 26.29
C GLU A 44 -4.43 -28.48 25.69
N GLU A 45 -3.59 -27.56 25.24
CA GLU A 45 -4.03 -26.34 24.54
C GLU A 45 -4.57 -26.66 23.13
N PHE A 46 -3.94 -27.65 22.50
CA PHE A 46 -4.26 -28.07 21.12
C PHE A 46 -5.63 -28.73 21.01
N ARG A 47 -6.06 -29.45 22.05
CA ARG A 47 -7.31 -30.23 21.99
C ARG A 47 -8.54 -29.46 21.50
N ASN A 48 -8.81 -28.28 22.04
CA ASN A 48 -10.00 -27.52 21.63
C ASN A 48 -9.63 -26.51 20.53
N PHE A 49 -10.02 -26.84 19.30
CA PHE A 49 -9.66 -26.08 18.12
C PHE A 49 -10.13 -24.63 18.14
N SER A 50 -11.44 -24.44 18.34
CA SER A 50 -12.06 -23.12 18.37
C SER A 50 -11.54 -22.25 19.49
N ARG A 51 -11.28 -22.88 20.63
CA ARG A 51 -10.78 -22.15 21.78
C ARG A 51 -9.33 -21.70 21.53
N TYR A 52 -8.58 -22.46 20.75
CA TYR A 52 -7.21 -22.06 20.42
C TYR A 52 -7.15 -20.96 19.34
N ILE A 53 -8.14 -20.91 18.45
CA ILE A 53 -8.25 -19.80 17.50
C ILE A 53 -8.63 -18.51 18.24
N ALA A 54 -9.55 -18.60 19.20
CA ALA A 54 -9.87 -17.47 20.08
C ALA A 54 -8.63 -16.98 20.85
N TYR A 55 -7.81 -17.92 21.35
CA TYR A 55 -6.55 -17.57 22.01
C TYR A 55 -5.53 -16.81 21.12
N ILE A 56 -5.25 -17.31 19.92
CA ILE A 56 -4.26 -16.67 19.04
C ILE A 56 -4.73 -15.28 18.60
N GLU A 57 -6.04 -15.12 18.48
CA GLU A 57 -6.63 -13.81 18.23
C GLU A 57 -6.47 -12.86 19.38
N SER A 58 -6.59 -13.36 20.61
CA SER A 58 -6.29 -12.57 21.81
C SER A 58 -4.83 -12.09 21.85
N GLN A 59 -3.96 -12.80 21.13
CA GLN A 59 -2.57 -12.43 20.95
C GLN A 59 -2.31 -11.54 19.72
N GLY A 60 -3.37 -11.22 18.96
CA GLY A 60 -3.29 -10.36 17.79
C GLY A 60 -2.98 -11.03 16.45
N ALA A 61 -2.94 -12.36 16.42
CA ALA A 61 -2.50 -13.13 15.24
C ALA A 61 -3.28 -12.77 14.00
N HIS A 62 -4.57 -12.51 14.18
CA HIS A 62 -5.49 -12.24 13.08
C HIS A 62 -5.17 -10.97 12.29
N ARG A 63 -4.41 -10.05 12.88
CA ARG A 63 -4.09 -8.78 12.23
C ARG A 63 -3.20 -8.93 11.00
N ALA A 64 -2.35 -9.94 11.00
CA ALA A 64 -1.50 -10.28 9.86
C ALA A 64 -2.27 -10.90 8.68
N GLY A 65 -3.40 -11.54 8.98
CA GLY A 65 -4.21 -12.27 7.98
C GLY A 65 -3.90 -13.76 7.89
N LEU A 66 -2.77 -14.15 8.45
CA LEU A 66 -2.18 -15.47 8.36
C LEU A 66 -1.39 -15.70 9.65
N ALA A 67 -1.49 -16.91 10.21
CA ALA A 67 -0.72 -17.34 11.38
C ALA A 67 -0.24 -18.78 11.13
N LYS A 68 0.88 -19.16 11.76
CA LYS A 68 1.36 -20.55 11.74
C LYS A 68 1.16 -21.17 13.11
N VAL A 69 0.67 -22.41 13.14
CA VAL A 69 0.62 -23.18 14.36
C VAL A 69 1.39 -24.50 14.17
N VAL A 70 2.44 -24.68 14.99
CA VAL A 70 3.23 -25.91 14.99
C VAL A 70 2.59 -26.84 16.03
N PRO A 71 1.99 -27.97 15.59
CA PRO A 71 1.32 -28.86 16.55
C PRO A 71 2.31 -29.55 17.49
N PRO A 72 1.82 -30.08 18.62
CA PRO A 72 2.74 -30.76 19.53
C PRO A 72 3.42 -31.97 18.86
N LYS A 73 4.67 -32.24 19.24
CA LYS A 73 5.47 -33.30 18.63
C LYS A 73 4.79 -34.67 18.76
N GLU A 74 4.00 -34.86 19.81
CA GLU A 74 3.29 -36.13 20.07
C GLU A 74 2.18 -36.39 19.06
N TRP A 75 1.71 -35.32 18.41
CA TRP A 75 0.56 -35.37 17.51
C TRP A 75 0.98 -35.74 16.08
N LYS A 76 0.28 -36.73 15.52
CA LYS A 76 0.38 -37.11 14.12
C LYS A 76 -1.06 -37.39 13.64
N PRO A 77 -1.45 -36.89 12.45
CA PRO A 77 -2.79 -37.15 11.92
C PRO A 77 -2.96 -38.48 11.19
N ARG A 78 -1.84 -39.16 10.94
CA ARG A 78 -1.81 -40.40 10.15
C ARG A 78 -0.54 -41.15 10.52
N ALA A 79 -0.64 -42.47 10.62
CA ALA A 79 0.51 -43.32 10.92
C ALA A 79 1.57 -43.28 9.82
N SER A 80 1.16 -43.39 8.56
CA SER A 80 2.09 -43.27 7.42
C SER A 80 1.40 -42.91 6.11
N TYR A 81 2.15 -42.34 5.18
CA TYR A 81 1.63 -41.90 3.89
C TYR A 81 2.17 -42.80 2.77
N ASP A 82 2.47 -44.05 3.11
CA ASP A 82 3.03 -45.01 2.16
C ASP A 82 1.95 -45.72 1.34
N ASP A 83 0.68 -45.46 1.67
CA ASP A 83 -0.43 -46.21 1.11
C ASP A 83 -1.33 -45.39 0.18
N ILE A 84 -0.90 -44.20 -0.21
CA ILE A 84 -1.78 -43.28 -0.93
C ILE A 84 -1.41 -43.14 -2.41
N ASP A 85 -0.52 -43.98 -2.90
CA ASP A 85 -0.01 -43.86 -4.28
C ASP A 85 -1.08 -44.13 -5.35
N ASP A 86 -2.11 -44.89 -5.00
CA ASP A 86 -3.17 -45.23 -5.92
C ASP A 86 -4.35 -44.28 -5.82
N LEU A 87 -4.26 -43.31 -4.91
CA LEU A 87 -5.27 -42.26 -4.79
C LEU A 87 -5.36 -41.48 -6.11
N VAL A 88 -6.60 -41.26 -6.57
CA VAL A 88 -6.87 -40.59 -7.85
C VAL A 88 -7.03 -39.08 -7.65
N ILE A 89 -6.25 -38.33 -8.44
CA ILE A 89 -6.37 -36.90 -8.63
C ILE A 89 -7.24 -36.75 -9.90
N PRO A 90 -8.57 -36.60 -9.74
CA PRO A 90 -9.43 -36.67 -10.92
C PRO A 90 -9.36 -35.51 -11.94
N ALA A 91 -8.92 -34.34 -11.53
CA ALA A 91 -8.89 -33.18 -12.41
C ALA A 91 -7.62 -32.35 -12.18
N PRO A 92 -6.45 -32.90 -12.54
CA PRO A 92 -5.24 -32.13 -12.36
C PRO A 92 -5.24 -30.89 -13.28
N ILE A 93 -4.62 -29.79 -12.82
CA ILE A 93 -4.65 -28.54 -13.54
C ILE A 93 -3.26 -28.18 -14.02
N GLN A 94 -3.08 -28.02 -15.32
CA GLN A 94 -1.84 -27.43 -15.81
C GLN A 94 -1.96 -25.90 -15.72
N GLN A 95 -0.98 -25.28 -15.08
CA GLN A 95 -1.09 -23.87 -14.71
C GLN A 95 -0.30 -23.01 -15.68
N LEU A 96 -0.99 -22.49 -16.68
CA LEU A 96 -0.45 -21.52 -17.64
C LEU A 96 -0.52 -20.07 -17.13
N VAL A 97 0.62 -19.40 -17.08
CA VAL A 97 0.71 -18.08 -16.51
C VAL A 97 1.18 -17.16 -17.62
N THR A 98 0.44 -16.07 -17.77
CA THR A 98 0.69 -15.02 -18.73
C THR A 98 0.89 -13.69 -17.99
N GLY A 99 1.94 -12.95 -18.33
CA GLY A 99 2.15 -11.61 -17.80
C GLY A 99 3.60 -11.19 -17.72
N GLN A 100 3.84 -10.04 -17.12
CA GLN A 100 5.20 -9.47 -17.03
C GLN A 100 5.22 -8.42 -15.93
N SER A 101 6.40 -7.97 -15.54
CA SER A 101 6.56 -6.84 -14.60
C SER A 101 5.78 -7.06 -13.31
N GLY A 102 5.85 -8.27 -12.78
CA GLY A 102 5.22 -8.61 -11.51
C GLY A 102 3.70 -8.77 -11.48
N LEU A 103 3.05 -8.70 -12.64
CA LEU A 103 1.59 -8.87 -12.78
C LEU A 103 1.25 -10.00 -13.74
N PHE A 104 0.50 -11.00 -13.26
CA PHE A 104 0.20 -12.18 -14.06
C PHE A 104 -1.23 -12.69 -13.90
N THR A 105 -1.71 -13.35 -14.96
CA THR A 105 -2.96 -14.10 -14.91
C THR A 105 -2.66 -15.60 -15.13
N GLN A 106 -3.20 -16.41 -14.23
CA GLN A 106 -3.08 -17.86 -14.28
C GLN A 106 -4.32 -18.51 -14.89
N TYR A 107 -4.09 -19.34 -15.92
CA TYR A 107 -5.12 -20.06 -16.63
C TYR A 107 -4.95 -21.53 -16.29
N ASN A 108 -5.99 -22.09 -15.72
CA ASN A 108 -5.92 -23.42 -15.15
C ASN A 108 -6.51 -24.39 -16.17
N ILE A 109 -5.65 -25.15 -16.85
CA ILE A 109 -6.07 -26.15 -17.85
C ILE A 109 -6.24 -27.55 -17.24
N GLN A 110 -7.46 -28.06 -17.28
CA GLN A 110 -7.76 -29.38 -16.73
C GLN A 110 -7.16 -30.49 -17.59
N LYS A 111 -6.38 -31.36 -16.95
CA LYS A 111 -5.74 -32.50 -17.61
C LYS A 111 -6.50 -33.78 -17.25
N LYS A 112 -6.11 -34.89 -17.88
CA LYS A 112 -6.71 -36.18 -17.56
C LYS A 112 -6.32 -36.61 -16.16
N ALA A 113 -7.23 -37.37 -15.53
CA ALA A 113 -7.06 -37.97 -14.21
C ALA A 113 -5.74 -38.71 -14.11
N MET A 114 -5.17 -38.73 -12.92
CA MET A 114 -3.89 -39.39 -12.72
C MET A 114 -3.78 -39.72 -11.23
N THR A 115 -2.97 -40.72 -10.91
CA THR A 115 -2.79 -41.17 -9.54
C THR A 115 -1.72 -40.33 -8.86
N VAL A 116 -1.58 -40.45 -7.54
CA VAL A 116 -0.50 -39.78 -6.80
C VAL A 116 0.89 -40.31 -7.22
N ARG A 117 1.02 -41.62 -7.48
CA ARG A 117 2.27 -42.19 -8.01
C ARG A 117 2.65 -41.53 -9.35
N GLU A 118 1.70 -41.49 -10.28
CA GLU A 118 1.89 -40.83 -11.59
C GLU A 118 2.28 -39.37 -11.44
N PHE A 119 1.65 -38.69 -10.48
CA PHE A 119 1.91 -37.29 -10.21
C PHE A 119 3.29 -37.06 -9.59
N ARG A 120 3.64 -37.83 -8.55
CA ARG A 120 4.98 -37.73 -7.96
C ARG A 120 6.12 -37.96 -9.00
N LYS A 121 5.91 -38.88 -9.94
CA LYS A 121 6.93 -39.16 -10.95
C LYS A 121 7.19 -37.92 -11.81
N ILE A 122 6.11 -37.28 -12.25
CA ILE A 122 6.20 -36.04 -13.02
C ILE A 122 6.81 -34.90 -12.17
N ALA A 123 6.37 -34.79 -10.92
CA ALA A 123 6.87 -33.77 -9.99
C ALA A 123 8.37 -33.87 -9.76
N ASN A 124 8.87 -35.09 -9.54
CA ASN A 124 10.26 -35.32 -9.18
C ASN A 124 11.17 -35.46 -10.39
N SER A 125 10.59 -35.43 -11.59
CA SER A 125 11.35 -35.58 -12.83
C SER A 125 12.23 -34.37 -13.04
N ASP A 126 13.26 -34.54 -13.87
CA ASP A 126 14.17 -33.44 -14.21
C ASP A 126 13.45 -32.22 -14.74
N LYS A 127 12.43 -32.47 -15.55
CA LYS A 127 11.67 -31.44 -16.22
C LYS A 127 10.95 -30.49 -15.24
N TYR A 128 10.43 -31.04 -14.14
CA TYR A 128 9.56 -30.31 -13.21
C TYR A 128 10.09 -30.15 -11.78
N CYS A 129 11.21 -30.78 -11.44
CA CYS A 129 11.71 -30.76 -10.05
C CYS A 129 12.24 -29.39 -9.64
N THR A 130 12.37 -29.18 -8.33
CA THR A 130 12.85 -27.91 -7.77
C THR A 130 14.27 -27.63 -8.26
N PRO A 131 14.56 -26.39 -8.70
CA PRO A 131 15.94 -26.06 -8.98
C PRO A 131 16.83 -26.07 -7.74
N ARG A 132 18.15 -26.16 -7.95
CA ARG A 132 19.11 -26.11 -6.85
C ARG A 132 19.11 -24.68 -6.33
N TYR A 133 19.26 -24.53 -5.01
CA TYR A 133 19.24 -23.21 -4.39
C TYR A 133 19.79 -23.22 -2.96
N SER A 134 20.30 -22.07 -2.52
CA SER A 134 20.90 -21.90 -1.19
C SER A 134 19.89 -21.37 -0.16
N GLU A 135 19.55 -20.09 -0.26
CA GLU A 135 18.58 -19.44 0.64
C GLU A 135 17.18 -19.44 0.02
N PHE A 136 16.14 -19.34 0.85
CA PHE A 136 14.76 -19.24 0.33
C PHE A 136 14.59 -18.06 -0.64
N GLU A 137 15.27 -16.95 -0.34
CA GLU A 137 15.16 -15.75 -1.15
C GLU A 137 15.59 -16.04 -2.59
N GLU A 138 16.56 -16.96 -2.76
CA GLU A 138 17.00 -17.41 -4.08
C GLU A 138 15.92 -18.19 -4.84
N LEU A 139 15.28 -19.15 -4.16
CA LEU A 139 14.14 -19.89 -4.73
C LEU A 139 12.97 -18.96 -5.04
N GLU A 140 12.69 -18.01 -4.15
CA GLU A 140 11.66 -16.99 -4.38
C GLU A 140 11.92 -16.19 -5.68
N ARG A 141 13.17 -15.78 -5.91
CA ARG A 141 13.55 -15.10 -7.17
C ARG A 141 13.35 -15.93 -8.44
N LYS A 142 13.73 -17.22 -8.40
CA LYS A 142 13.56 -18.16 -9.51
C LYS A 142 12.09 -18.39 -9.83
N TYR A 143 11.24 -18.45 -8.79
CA TYR A 143 9.81 -18.61 -8.97
C TYR A 143 9.21 -17.43 -9.76
N TRP A 144 9.50 -16.21 -9.31
CA TRP A 144 8.97 -14.99 -9.94
C TRP A 144 9.56 -14.68 -11.32
N LYS A 145 10.73 -15.26 -11.59
CA LYS A 145 11.41 -15.15 -12.87
C LYS A 145 10.88 -16.17 -13.90
N ASN A 146 10.52 -17.37 -13.42
CA ASN A 146 10.21 -18.51 -14.28
C ASN A 146 8.75 -18.96 -14.26
N LEU A 147 7.93 -18.19 -13.57
CA LEU A 147 6.50 -18.40 -13.35
C LEU A 147 5.75 -18.74 -14.63
N THR A 148 6.13 -18.08 -15.73
CA THR A 148 5.41 -18.19 -16.99
C THR A 148 5.99 -19.27 -17.94
N PHE A 149 7.10 -19.92 -17.53
CA PHE A 149 7.72 -20.97 -18.31
C PHE A 149 7.44 -22.34 -17.74
N ASN A 150 7.53 -23.34 -18.60
CA ASN A 150 7.38 -24.74 -18.20
C ASN A 150 6.21 -24.93 -17.22
N PRO A 151 4.97 -24.71 -17.71
CA PRO A 151 3.79 -24.77 -16.85
C PRO A 151 3.65 -26.08 -16.05
N PRO A 152 3.55 -25.95 -14.73
CA PRO A 152 3.46 -27.16 -13.90
C PRO A 152 2.02 -27.68 -13.82
N ILE A 153 1.86 -28.83 -13.19
CA ILE A 153 0.56 -29.44 -12.96
C ILE A 153 0.32 -29.44 -11.43
N TYR A 154 -0.86 -28.96 -11.03
CA TYR A 154 -1.20 -28.87 -9.62
C TYR A 154 -2.34 -29.84 -9.42
N GLY A 155 -2.16 -30.81 -8.51
CA GLY A 155 -3.22 -31.75 -8.12
C GLY A 155 -4.11 -31.09 -7.08
N ALA A 156 -4.80 -30.04 -7.52
CA ALA A 156 -5.49 -29.10 -6.64
C ALA A 156 -6.99 -29.45 -6.50
N ASP A 157 -7.57 -29.09 -5.35
CA ASP A 157 -9.02 -29.17 -5.10
C ASP A 157 -9.58 -30.59 -5.18
N VAL A 158 -8.83 -31.54 -4.59
CA VAL A 158 -9.22 -32.94 -4.57
C VAL A 158 -10.05 -33.22 -3.29
N ASN A 159 -11.25 -33.73 -3.49
CA ASN A 159 -12.10 -34.09 -2.40
C ASN A 159 -11.48 -35.20 -1.60
N GLY A 160 -11.23 -34.95 -0.32
CA GLY A 160 -10.70 -35.98 0.54
C GLY A 160 -9.92 -35.50 1.73
N THR A 161 -9.59 -36.46 2.60
CA THR A 161 -8.84 -36.22 3.82
C THR A 161 -7.82 -37.33 3.96
N LEU A 162 -6.64 -37.00 4.47
CA LEU A 162 -5.64 -38.02 4.81
C LEU A 162 -5.55 -38.18 6.34
N TYR A 163 -6.52 -37.61 7.07
CA TYR A 163 -6.61 -37.88 8.50
C TYR A 163 -7.16 -39.28 8.76
N GLU A 164 -6.52 -39.99 9.70
CA GLU A 164 -7.06 -41.25 10.19
C GLU A 164 -8.35 -40.94 10.99
N LYS A 165 -9.33 -41.83 10.90
CA LYS A 165 -10.69 -41.57 11.39
C LYS A 165 -10.78 -41.20 12.88
N HIS A 166 -9.83 -41.67 13.69
CA HIS A 166 -9.86 -41.46 15.13
C HIS A 166 -9.06 -40.24 15.65
N VAL A 167 -8.48 -39.44 14.74
CA VAL A 167 -7.76 -38.23 15.17
C VAL A 167 -8.77 -37.15 15.55
N ASP A 168 -8.78 -36.81 16.83
CA ASP A 168 -9.82 -35.95 17.39
C ASP A 168 -9.36 -34.51 17.55
N GLU A 169 -8.06 -34.24 17.44
CA GLU A 169 -7.54 -32.85 17.56
C GLU A 169 -7.21 -32.27 16.19
N TRP A 170 -7.75 -31.09 15.89
CA TRP A 170 -7.51 -30.36 14.63
C TRP A 170 -7.74 -31.21 13.37
N ASN A 171 -8.79 -32.01 13.41
CA ASN A 171 -9.18 -32.83 12.29
C ASN A 171 -9.93 -31.94 11.32
N ILE A 172 -9.35 -31.71 10.15
CA ILE A 172 -9.90 -30.83 9.12
C ILE A 172 -11.28 -31.31 8.63
N GLY A 173 -11.56 -32.60 8.78
CA GLY A 173 -12.87 -33.17 8.45
C GLY A 173 -13.96 -32.85 9.45
N ARG A 174 -13.57 -32.51 10.68
CA ARG A 174 -14.53 -32.19 11.75
C ARG A 174 -13.91 -31.27 12.81
N LEU A 175 -13.75 -29.99 12.45
CA LEU A 175 -13.17 -28.97 13.35
C LEU A 175 -14.14 -28.47 14.46
N ARG A 176 -15.45 -28.64 14.25
CA ARG A 176 -16.48 -28.27 15.22
C ARG A 176 -16.54 -26.76 15.48
N THR A 177 -16.77 -25.98 14.43
CA THR A 177 -16.95 -24.52 14.52
C THR A 177 -18.39 -24.15 14.12
N ILE A 178 -18.75 -22.89 14.28
CA ILE A 178 -20.12 -22.49 13.94
C ILE A 178 -20.45 -22.56 12.43
N LEU A 179 -19.44 -22.74 11.58
CA LEU A 179 -19.66 -23.01 10.15
C LEU A 179 -20.52 -24.28 9.91
N ASP A 180 -20.53 -25.20 10.88
CA ASP A 180 -21.34 -26.42 10.85
C ASP A 180 -22.85 -26.13 10.85
N LEU A 181 -23.23 -24.92 11.26
CA LEU A 181 -24.61 -24.44 11.16
C LEU A 181 -25.18 -24.53 9.74
N VAL A 182 -24.35 -24.31 8.71
CA VAL A 182 -24.78 -24.46 7.31
C VAL A 182 -25.34 -25.86 7.02
N GLU A 183 -24.54 -26.89 7.23
CA GLU A 183 -25.02 -28.25 6.94
C GLU A 183 -26.09 -28.66 7.96
N LYS A 184 -25.87 -28.39 9.26
CA LYS A 184 -26.83 -28.76 10.30
C LYS A 184 -28.24 -28.23 10.00
N GLU A 185 -28.31 -26.95 9.63
CA GLU A 185 -29.57 -26.28 9.34
C GLU A 185 -30.17 -26.68 7.99
N SER A 186 -29.35 -26.61 6.93
CA SER A 186 -29.82 -26.71 5.55
C SER A 186 -29.59 -28.07 4.84
N GLY A 187 -28.63 -28.86 5.32
CA GLY A 187 -28.17 -30.06 4.62
C GLY A 187 -27.16 -29.79 3.51
N ILE A 188 -26.78 -28.53 3.32
CA ILE A 188 -25.96 -28.15 2.17
C ILE A 188 -24.47 -28.33 2.47
N THR A 189 -23.81 -29.17 1.67
CA THR A 189 -22.36 -29.25 1.68
C THR A 189 -21.79 -28.47 0.49
N ILE A 190 -20.72 -27.74 0.78
CA ILE A 190 -20.02 -26.91 -0.18
C ILE A 190 -18.64 -27.49 -0.17
N GLU A 191 -18.31 -28.25 -1.20
CA GLU A 191 -17.04 -28.97 -1.24
C GLU A 191 -15.85 -28.03 -1.10
N GLY A 192 -14.93 -28.40 -0.20
CA GLY A 192 -13.76 -27.61 0.12
C GLY A 192 -13.98 -26.52 1.15
N VAL A 193 -15.24 -26.19 1.44
CA VAL A 193 -15.61 -25.10 2.33
C VAL A 193 -16.02 -25.72 3.68
N ASN A 194 -17.03 -26.59 3.68
CA ASN A 194 -17.33 -27.43 4.86
C ASN A 194 -17.02 -28.89 4.62
N THR A 195 -16.21 -29.18 3.59
CA THR A 195 -15.61 -30.50 3.38
C THR A 195 -14.13 -30.28 3.09
N PRO A 196 -13.29 -31.31 3.35
CA PRO A 196 -11.86 -31.12 3.10
C PRO A 196 -11.43 -31.30 1.65
N TYR A 197 -10.43 -30.51 1.25
CA TYR A 197 -9.75 -30.62 -0.04
C TYR A 197 -8.30 -30.98 0.20
N LEU A 198 -7.74 -31.80 -0.70
CA LEU A 198 -6.30 -32.05 -0.75
C LEU A 198 -5.64 -31.36 -1.94
N TYR A 199 -4.38 -30.98 -1.77
CA TYR A 199 -3.59 -30.28 -2.79
C TYR A 199 -2.24 -30.97 -2.95
N PHE A 200 -2.04 -31.64 -4.07
CA PHE A 200 -0.75 -32.22 -4.40
C PHE A 200 0.05 -31.24 -5.26
N GLY A 201 1.10 -30.68 -4.68
CA GLY A 201 1.92 -29.71 -5.37
C GLY A 201 3.20 -30.25 -5.98
N MET A 202 3.69 -29.54 -6.99
CA MET A 202 5.07 -29.67 -7.44
C MET A 202 5.65 -28.27 -7.44
N TRP A 203 6.94 -28.19 -7.77
CA TRP A 203 7.63 -26.91 -7.86
C TRP A 203 6.89 -25.97 -8.80
N LYS A 204 6.68 -24.74 -8.33
CA LYS A 204 6.27 -23.61 -9.15
C LYS A 204 4.75 -23.59 -9.34
N THR A 205 4.04 -24.51 -8.68
CA THR A 205 2.59 -24.46 -8.59
C THR A 205 2.18 -23.38 -7.59
N SER A 206 1.11 -22.70 -7.95
CA SER A 206 0.76 -21.40 -7.35
C SER A 206 -0.67 -21.38 -6.89
N PHE A 207 -0.91 -20.58 -5.86
CA PHE A 207 -2.25 -20.12 -5.54
C PHE A 207 -2.25 -18.60 -5.61
N ALA A 208 -3.16 -18.10 -6.43
CA ALA A 208 -3.36 -16.68 -6.70
C ALA A 208 -3.89 -15.94 -5.49
N TRP A 209 -3.76 -14.60 -5.51
CA TRP A 209 -4.34 -13.73 -4.47
C TRP A 209 -5.85 -13.88 -4.28
N HIS A 210 -6.23 -14.15 -3.05
CA HIS A 210 -7.63 -14.28 -2.71
C HIS A 210 -7.83 -14.16 -1.19
N THR A 211 -9.03 -13.76 -0.82
CA THR A 211 -9.59 -14.12 0.45
C THR A 211 -10.40 -15.42 0.28
N GLU A 212 -10.83 -16.00 1.40
CA GLU A 212 -11.68 -17.20 1.32
C GLU A 212 -13.08 -16.86 0.88
N ASP A 213 -13.75 -17.85 0.32
CA ASP A 213 -15.15 -17.71 -0.01
C ASP A 213 -15.90 -17.22 1.21
N MET A 214 -16.75 -16.21 1.00
CA MET A 214 -17.56 -15.59 2.05
C MET A 214 -16.73 -14.94 3.12
N ASP A 215 -15.45 -14.68 2.79
CA ASP A 215 -14.43 -14.14 3.69
C ASP A 215 -14.26 -14.90 5.00
N LEU A 216 -14.27 -16.23 4.85
CA LEU A 216 -14.17 -17.13 5.97
C LEU A 216 -12.70 -17.28 6.38
N TYR A 217 -12.48 -18.01 7.46
CA TYR A 217 -11.16 -18.51 7.79
C TYR A 217 -10.85 -19.73 6.92
N SER A 218 -9.58 -20.02 6.76
CA SER A 218 -9.14 -21.36 6.31
C SER A 218 -8.10 -21.92 7.26
N ILE A 219 -8.00 -23.24 7.25
CA ILE A 219 -6.93 -24.01 7.90
C ILE A 219 -6.23 -24.80 6.78
N ASN A 220 -4.91 -24.94 6.88
CA ASN A 220 -4.09 -25.65 5.88
C ASN A 220 -3.00 -26.41 6.61
N TYR A 221 -3.03 -27.74 6.49
CA TYR A 221 -2.02 -28.61 7.06
C TYR A 221 -1.20 -29.23 5.95
N LEU A 222 0.12 -29.09 6.05
CA LEU A 222 1.06 -29.71 5.11
C LEU A 222 1.44 -31.11 5.62
N HIS A 223 0.82 -32.12 5.02
CA HIS A 223 0.92 -33.50 5.44
C HIS A 223 2.34 -34.01 5.27
N PHE A 224 2.91 -33.73 4.10
CA PHE A 224 4.25 -34.15 3.78
C PHE A 224 4.85 -33.35 2.61
N GLY A 225 6.15 -33.55 2.42
CA GLY A 225 6.82 -33.07 1.23
C GLY A 225 7.57 -31.78 1.45
N GLU A 226 7.82 -31.08 0.34
CA GLU A 226 8.54 -29.81 0.31
C GLU A 226 7.66 -28.62 0.74
N PRO A 227 8.29 -27.51 1.15
CA PRO A 227 7.46 -26.43 1.72
C PRO A 227 6.47 -25.77 0.80
N LYS A 228 5.58 -25.01 1.44
CA LYS A 228 4.67 -24.12 0.80
C LYS A 228 4.91 -22.71 1.35
N SER A 229 5.25 -21.78 0.46
CA SER A 229 5.50 -20.39 0.86
C SER A 229 4.26 -19.50 0.63
N TRP A 230 4.08 -18.52 1.52
CA TRP A 230 2.86 -17.72 1.59
C TRP A 230 3.22 -16.25 1.62
N TYR A 231 2.35 -15.45 1.01
CA TYR A 231 2.32 -13.98 1.15
C TYR A 231 0.97 -13.67 1.76
N SER A 232 0.93 -12.65 2.61
CA SER A 232 -0.28 -12.23 3.29
C SER A 232 -0.38 -10.72 3.34
N VAL A 233 -1.58 -10.19 3.16
CA VAL A 233 -1.88 -8.80 3.40
C VAL A 233 -2.80 -8.71 4.63
N PRO A 234 -2.43 -7.86 5.63
CA PRO A 234 -3.30 -7.60 6.74
C PRO A 234 -4.72 -7.21 6.31
N PRO A 235 -5.75 -7.88 6.85
CA PRO A 235 -7.15 -7.52 6.57
C PRO A 235 -7.47 -6.02 6.64
N GLU A 236 -6.81 -5.32 7.55
CA GLU A 236 -6.94 -3.88 7.69
C GLU A 236 -6.36 -3.08 6.52
N HIS A 237 -5.57 -3.71 5.64
CA HIS A 237 -5.07 -3.06 4.42
C HIS A 237 -5.53 -3.78 3.15
N GLY A 238 -6.46 -4.72 3.29
CA GLY A 238 -6.98 -5.50 2.15
C GLY A 238 -7.64 -4.72 1.03
N LYS A 239 -8.36 -3.66 1.39
CA LYS A 239 -9.00 -2.75 0.43
C LYS A 239 -7.99 -2.05 -0.46
N ARG A 240 -6.80 -1.77 0.09
CA ARG A 240 -5.69 -1.18 -0.65
CA ARG A 240 -5.71 -1.17 -0.67
C ARG A 240 -5.14 -2.18 -1.70
N LEU A 241 -5.03 -3.46 -1.34
CA LEU A 241 -4.69 -4.47 -2.34
C LEU A 241 -5.72 -4.55 -3.48
N GLU A 242 -7.01 -4.55 -3.15
CA GLU A 242 -8.12 -4.57 -4.15
C GLU A 242 -8.13 -3.35 -5.07
N ARG A 243 -7.89 -2.17 -4.51
CA ARG A 243 -7.82 -0.96 -5.33
C ARG A 243 -6.68 -1.05 -6.30
N LEU A 244 -5.53 -1.51 -5.83
CA LEU A 244 -4.34 -1.71 -6.64
C LEU A 244 -4.58 -2.70 -7.78
N ALA A 245 -5.14 -3.86 -7.43
CA ALA A 245 -5.45 -4.94 -8.38
C ALA A 245 -6.41 -4.48 -9.47
N LYS A 246 -7.36 -3.62 -9.11
CA LYS A 246 -8.36 -3.06 -10.04
C LYS A 246 -7.73 -2.11 -11.04
N GLY A 247 -6.78 -1.31 -10.58
CA GLY A 247 -6.00 -0.45 -11.46
C GLY A 247 -5.08 -1.21 -12.40
N PHE A 248 -4.55 -2.35 -11.98
CA PHE A 248 -3.68 -3.19 -12.79
C PHE A 248 -4.44 -4.09 -13.79
N PHE A 249 -5.65 -4.51 -13.42
CA PHE A 249 -6.51 -5.35 -14.24
C PHE A 249 -7.89 -4.68 -14.36
N PRO A 250 -7.93 -3.50 -15.00
CA PRO A 250 -9.17 -2.72 -15.10
C PRO A 250 -10.27 -3.38 -15.96
N GLY A 251 -9.87 -4.21 -16.91
CA GLY A 251 -10.84 -5.00 -17.67
C GLY A 251 -11.60 -5.98 -16.80
N SER A 252 -10.83 -6.82 -16.11
CA SER A 252 -11.37 -7.80 -15.16
C SER A 252 -12.26 -7.16 -14.11
N ALA A 253 -11.82 -6.03 -13.56
CA ALA A 253 -12.59 -5.27 -12.58
C ALA A 253 -13.92 -4.76 -13.12
N GLN A 254 -13.97 -4.38 -14.39
CA GLN A 254 -15.22 -3.85 -14.98
C GLN A 254 -16.26 -4.96 -15.18
N SER A 255 -15.85 -6.18 -15.48
CA SER A 255 -16.78 -7.32 -15.63
C SER A 255 -17.11 -8.02 -14.31
N CYS A 256 -16.24 -7.88 -13.30
CA CYS A 256 -16.54 -8.44 -12.02
C CYS A 256 -15.87 -7.66 -10.88
N GLU A 257 -16.71 -7.03 -10.06
CA GLU A 257 -16.30 -6.42 -8.81
C GLU A 257 -15.31 -7.32 -8.04
N ALA A 258 -15.72 -8.57 -7.78
CA ALA A 258 -14.92 -9.52 -7.02
C ALA A 258 -14.05 -10.43 -7.90
N PHE A 259 -13.35 -9.89 -8.90
CA PHE A 259 -12.59 -10.74 -9.83
C PHE A 259 -11.43 -11.52 -9.19
N LEU A 260 -10.90 -11.02 -8.07
CA LEU A 260 -9.86 -11.74 -7.36
C LEU A 260 -10.35 -13.11 -6.86
N ARG A 261 -11.66 -13.24 -6.69
CA ARG A 261 -12.26 -14.52 -6.30
C ARG A 261 -12.14 -15.61 -7.35
N HIS A 262 -11.85 -15.23 -8.61
CA HIS A 262 -11.63 -16.18 -9.70
C HIS A 262 -10.34 -16.95 -9.52
N LYS A 263 -9.48 -16.46 -8.63
CA LYS A 263 -8.23 -17.11 -8.24
C LYS A 263 -7.28 -17.26 -9.44
N MET A 264 -7.19 -16.19 -10.23
CA MET A 264 -6.31 -16.13 -11.40
C MET A 264 -5.21 -15.05 -11.35
N THR A 265 -5.16 -14.25 -10.29
CA THR A 265 -4.35 -13.03 -10.28
C THR A 265 -3.11 -13.17 -9.41
N LEU A 266 -1.94 -13.12 -10.06
CA LEU A 266 -0.66 -13.23 -9.37
C LEU A 266 0.00 -11.86 -9.42
N ILE A 267 0.48 -11.45 -8.26
CA ILE A 267 1.12 -10.17 -8.07
C ILE A 267 2.37 -10.40 -7.21
N SER A 268 3.54 -10.01 -7.70
CA SER A 268 4.81 -10.21 -6.96
C SER A 268 4.92 -9.32 -5.71
N PRO A 269 5.68 -9.76 -4.70
CA PRO A 269 5.95 -8.89 -3.57
C PRO A 269 6.73 -7.60 -3.90
N LEU A 270 7.49 -7.57 -4.97
CA LEU A 270 8.15 -6.33 -5.42
C LEU A 270 7.13 -5.29 -5.93
N MET A 271 6.04 -5.75 -6.53
CA MET A 271 4.95 -4.85 -6.94
C MET A 271 4.15 -4.31 -5.78
N LEU A 272 3.88 -5.17 -4.80
CA LEU A 272 3.25 -4.74 -3.55
C LEU A 272 4.10 -3.71 -2.83
N LYS A 273 5.39 -3.97 -2.74
CA LYS A 273 6.33 -3.09 -2.06
C LYS A 273 6.45 -1.71 -2.81
N LYS A 274 6.52 -1.78 -4.14
CA LYS A 274 6.53 -0.61 -5.02
C LYS A 274 5.27 0.30 -4.92
N TYR A 275 4.13 -0.28 -4.60
CA TYR A 275 2.88 0.47 -4.51
C TYR A 275 2.37 0.58 -3.08
N GLY A 276 3.26 0.32 -2.13
CA GLY A 276 3.04 0.61 -0.72
C GLY A 276 2.02 -0.26 -0.01
N ILE A 277 1.82 -1.48 -0.50
CA ILE A 277 0.93 -2.44 0.13
C ILE A 277 1.71 -3.24 1.20
N PRO A 278 1.29 -3.16 2.48
CA PRO A 278 1.91 -3.97 3.51
C PRO A 278 1.60 -5.45 3.36
N PHE A 279 2.63 -6.27 3.55
CA PHE A 279 2.48 -7.70 3.43
C PHE A 279 3.60 -8.36 4.25
N ASP A 280 3.43 -9.64 4.55
CA ASP A 280 4.46 -10.43 5.20
C ASP A 280 4.58 -11.71 4.37
N LYS A 281 5.67 -12.44 4.59
CA LYS A 281 5.83 -13.75 3.98
C LYS A 281 6.19 -14.80 5.04
N VAL A 282 5.83 -16.05 4.75
CA VAL A 282 6.11 -17.16 5.62
C VAL A 282 6.16 -18.43 4.77
N THR A 283 7.05 -19.35 5.15
CA THR A 283 7.16 -20.66 4.54
C THR A 283 6.66 -21.70 5.52
N GLN A 284 5.71 -22.53 5.09
CA GLN A 284 5.14 -23.60 5.88
C GLN A 284 5.87 -24.93 5.57
N GLU A 285 6.28 -25.66 6.60
CA GLU A 285 7.02 -26.91 6.39
C GLU A 285 6.09 -28.10 6.66
N ALA A 286 6.53 -29.30 6.31
CA ALA A 286 5.71 -30.49 6.54
C ALA A 286 5.41 -30.59 8.01
N GLY A 287 4.16 -30.86 8.36
CA GLY A 287 3.74 -30.97 9.77
C GLY A 287 3.30 -29.67 10.40
N GLU A 288 3.12 -28.61 9.62
CA GLU A 288 2.68 -27.30 10.13
C GLU A 288 1.31 -26.90 9.56
N PHE A 289 0.52 -26.23 10.41
CA PHE A 289 -0.77 -25.66 10.04
C PHE A 289 -0.55 -24.19 9.78
N MET A 290 -1.26 -23.67 8.80
CA MET A 290 -1.44 -22.24 8.63
C MET A 290 -2.91 -21.97 8.83
N ILE A 291 -3.21 -20.82 9.43
CA ILE A 291 -4.58 -20.31 9.60
C ILE A 291 -4.67 -18.98 8.84
N THR A 292 -5.64 -18.84 7.95
CA THR A 292 -5.96 -17.55 7.34
C THR A 292 -7.22 -17.00 8.00
N PHE A 293 -7.28 -15.68 8.10
CA PHE A 293 -8.31 -15.00 8.84
C PHE A 293 -9.26 -14.28 7.89
N PRO A 294 -10.52 -14.02 8.33
CA PRO A 294 -11.45 -13.29 7.51
C PRO A 294 -10.86 -12.05 6.84
N TYR A 295 -11.08 -11.94 5.53
CA TYR A 295 -10.57 -10.85 4.71
C TYR A 295 -9.03 -10.73 4.66
N GLY A 296 -8.33 -11.81 4.99
CA GLY A 296 -6.91 -11.88 4.84
C GLY A 296 -6.49 -12.38 3.47
N TYR A 297 -6.03 -11.47 2.63
CA TYR A 297 -5.56 -11.83 1.29
C TYR A 297 -4.24 -12.59 1.37
N HIS A 298 -4.17 -13.72 0.68
CA HIS A 298 -2.96 -14.54 0.62
C HIS A 298 -2.76 -15.12 -0.79
N ALA A 299 -1.49 -15.37 -1.11
CA ALA A 299 -1.06 -16.04 -2.32
C ALA A 299 0.18 -16.83 -1.97
N GLY A 300 0.62 -17.67 -2.90
CA GLY A 300 1.85 -18.41 -2.72
C GLY A 300 2.18 -19.46 -3.77
N PHE A 301 3.15 -20.29 -3.41
CA PHE A 301 3.64 -21.31 -4.27
C PHE A 301 4.25 -22.48 -3.48
N ASN A 302 4.27 -23.62 -4.13
CA ASN A 302 4.91 -24.82 -3.60
C ASN A 302 6.34 -24.96 -4.12
N HIS A 303 7.23 -25.42 -3.23
CA HIS A 303 8.66 -25.59 -3.51
C HIS A 303 8.96 -26.87 -4.28
N GLY A 304 8.12 -27.86 -4.12
CA GLY A 304 8.34 -29.17 -4.74
C GLY A 304 7.18 -30.06 -4.43
N PHE A 305 7.41 -31.37 -4.55
CA PHE A 305 6.34 -32.35 -4.34
C PHE A 305 5.88 -32.32 -2.88
N ASN A 306 4.59 -32.08 -2.69
CA ASN A 306 4.00 -32.03 -1.37
C ASN A 306 2.52 -32.34 -1.36
N CYS A 307 1.95 -32.37 -0.16
CA CYS A 307 0.52 -32.58 -0.02
C CYS A 307 0.01 -31.79 1.17
N ALA A 308 -0.93 -30.88 0.90
CA ALA A 308 -1.64 -30.09 1.92
C ALA A 308 -3.12 -30.45 1.91
N GLU A 309 -3.74 -30.32 3.08
CA GLU A 309 -5.19 -30.50 3.26
C GLU A 309 -5.75 -29.18 3.78
N SER A 310 -6.96 -28.82 3.32
CA SER A 310 -7.53 -27.55 3.70
C SER A 310 -9.06 -27.55 3.75
N THR A 311 -9.60 -26.64 4.54
CA THR A 311 -11.03 -26.41 4.58
C THR A 311 -11.25 -25.03 5.16
N ASN A 312 -12.49 -24.56 5.16
CA ASN A 312 -12.84 -23.27 5.80
C ASN A 312 -13.49 -23.50 7.15
N PHE A 313 -13.59 -22.44 7.93
CA PHE A 313 -14.24 -22.50 9.24
C PHE A 313 -14.60 -21.08 9.65
N ALA A 314 -15.35 -20.97 10.73
CA ALA A 314 -15.87 -19.69 11.19
C ALA A 314 -15.70 -19.53 12.70
N THR A 315 -15.66 -18.29 13.14
CA THR A 315 -15.88 -17.90 14.53
C THR A 315 -17.05 -16.91 14.50
N ARG A 316 -17.49 -16.46 15.68
CA ARG A 316 -18.59 -15.48 15.75
C ARG A 316 -18.21 -14.15 15.08
N ARG A 317 -16.92 -13.81 15.10
CA ARG A 317 -16.37 -12.61 14.47
C ARG A 317 -16.61 -12.62 12.96
N TRP A 318 -16.57 -13.81 12.36
CA TRP A 318 -16.78 -13.95 10.94
C TRP A 318 -18.18 -13.51 10.47
N ILE A 319 -19.21 -13.59 11.33
CA ILE A 319 -20.56 -13.40 10.86
C ILE A 319 -20.75 -12.07 10.12
N GLU A 320 -20.12 -11.03 10.64
CA GLU A 320 -20.17 -9.69 10.04
C GLU A 320 -19.40 -9.62 8.70
N TYR A 321 -18.27 -10.32 8.63
CA TYR A 321 -17.53 -10.47 7.38
C TYR A 321 -18.36 -11.15 6.30
N GLY A 322 -19.05 -12.22 6.64
CA GLY A 322 -19.93 -12.89 5.73
C GLY A 322 -21.10 -12.07 5.22
N LYS A 323 -21.62 -11.21 6.10
CA LYS A 323 -22.72 -10.33 5.78
C LYS A 323 -22.31 -9.29 4.78
N GLN A 324 -21.05 -8.86 4.87
CA GLN A 324 -20.50 -7.79 4.07
C GLN A 324 -19.61 -8.25 2.91
N ALA A 325 -19.40 -9.57 2.73
CA ALA A 325 -18.50 -10.07 1.67
C ALA A 325 -18.98 -9.63 0.29
N VAL A 326 -18.08 -9.04 -0.49
CA VAL A 326 -18.34 -8.69 -1.89
C VAL A 326 -18.13 -9.97 -2.70
N LEU A 327 -19.19 -10.40 -3.36
CA LEU A 327 -19.23 -11.73 -3.95
C LEU A 327 -19.08 -11.63 -5.47
N CYS A 328 -18.57 -12.70 -6.07
CA CYS A 328 -18.46 -12.76 -7.51
C CYS A 328 -19.85 -12.89 -8.16
N SER A 329 -20.13 -11.98 -9.09
CA SER A 329 -21.38 -11.91 -9.84
C SER A 329 -21.42 -12.86 -11.06
N CYS A 330 -20.33 -12.85 -11.82
CA CYS A 330 -20.28 -13.28 -13.21
C CYS A 330 -20.10 -14.77 -13.48
N ARG A 331 -20.05 -15.61 -12.46
CA ARG A 331 -19.81 -17.04 -12.67
C ARG A 331 -20.84 -17.90 -11.98
N LYS A 332 -21.13 -19.05 -12.58
CA LYS A 332 -21.97 -20.10 -11.98
C LYS A 332 -21.08 -20.92 -11.02
N ASP A 333 -21.69 -21.65 -10.09
CA ASP A 333 -20.98 -22.55 -9.13
C ASP A 333 -20.05 -21.85 -8.11
N MET A 334 -20.15 -20.51 -8.00
CA MET A 334 -19.43 -19.74 -7.02
C MET A 334 -20.10 -19.91 -5.64
N VAL A 335 -19.26 -19.93 -4.60
CA VAL A 335 -19.69 -20.20 -3.24
C VAL A 335 -20.45 -19.01 -2.64
N LYS A 336 -21.70 -19.27 -2.28
CA LYS A 336 -22.52 -18.32 -1.56
C LYS A 336 -23.13 -19.07 -0.39
N ILE A 337 -23.14 -18.41 0.76
CA ILE A 337 -23.76 -18.90 2.00
C ILE A 337 -24.81 -17.86 2.40
N SER A 338 -26.04 -18.32 2.62
CA SER A 338 -27.11 -17.56 3.25
C SER A 338 -26.72 -17.19 4.70
N MET A 339 -26.64 -15.90 5.00
CA MET A 339 -26.25 -15.46 6.34
C MET A 339 -27.39 -15.46 7.35
N ASP A 340 -28.61 -15.63 6.85
CA ASP A 340 -29.82 -15.58 7.67
C ASP A 340 -29.72 -16.33 8.98
N VAL A 341 -29.32 -17.59 8.89
CA VAL A 341 -29.29 -18.49 10.04
C VAL A 341 -28.33 -17.96 11.10
N PHE A 342 -27.22 -17.38 10.65
CA PHE A 342 -26.19 -16.84 11.53
C PHE A 342 -26.63 -15.55 12.24
N VAL A 343 -27.30 -14.66 11.52
CA VAL A 343 -27.82 -13.42 12.08
C VAL A 343 -28.96 -13.73 13.02
N ARG A 344 -29.86 -14.65 12.65
CA ARG A 344 -30.94 -15.04 13.59
C ARG A 344 -30.39 -15.56 14.92
N LYS A 345 -29.44 -16.49 14.86
CA LYS A 345 -28.93 -17.12 16.07
C LYS A 345 -27.99 -16.21 16.90
N PHE A 346 -27.10 -15.48 16.23
CA PHE A 346 -26.04 -14.75 16.95
C PHE A 346 -26.22 -13.24 17.00
N GLN A 347 -27.13 -12.69 16.21
CA GLN A 347 -27.44 -11.27 16.23
C GLN A 347 -28.91 -11.05 16.06
N PRO A 348 -29.73 -11.63 16.96
CA PRO A 348 -31.19 -11.58 16.83
C PRO A 348 -31.72 -10.14 16.96
N GLU A 349 -31.01 -9.30 17.72
CA GLU A 349 -31.35 -7.89 17.84
C GLU A 349 -31.14 -7.12 16.54
N ARG A 350 -30.20 -7.55 15.72
CA ARG A 350 -29.95 -6.86 14.43
C ARG A 350 -30.68 -7.49 13.24
N TYR A 351 -31.42 -8.58 13.47
CA TYR A 351 -32.03 -9.36 12.39
C TYR A 351 -32.98 -8.54 11.51
N LYS A 352 -33.97 -7.93 12.13
CA LYS A 352 -34.98 -7.16 11.37
C LYS A 352 -34.36 -5.95 10.64
N LEU A 353 -33.35 -5.34 11.26
CA LEU A 353 -32.59 -4.24 10.66
C LEU A 353 -31.75 -4.70 9.47
N TRP A 354 -31.05 -5.82 9.64
CA TRP A 354 -30.28 -6.42 8.57
C TRP A 354 -31.18 -6.87 7.40
N LYS A 355 -32.23 -7.60 7.74
CA LYS A 355 -33.23 -8.06 6.76
C LYS A 355 -33.87 -6.88 6.00
N ALA A 356 -34.03 -5.74 6.67
CA ALA A 356 -34.54 -4.52 6.02
C ALA A 356 -33.49 -3.75 5.19
N GLY A 357 -32.24 -4.22 5.21
CA GLY A 357 -31.13 -3.56 4.51
C GLY A 357 -30.52 -2.37 5.24
N LYS A 358 -30.80 -2.21 6.52
CA LYS A 358 -30.38 -1.03 7.27
C LYS A 358 -29.25 -1.29 8.28
N ASP A 359 -28.54 -2.41 8.16
CA ASP A 359 -27.48 -2.75 9.12
C ASP A 359 -26.15 -2.15 8.65
N ASN A 360 -25.75 -1.05 9.27
CA ASN A 360 -24.58 -0.25 8.85
C ASN A 360 -23.31 -0.48 9.68
N THR A 361 -23.23 -1.62 10.37
CA THR A 361 -22.04 -1.99 11.16
C THR A 361 -20.79 -1.87 10.30
N VAL A 362 -19.78 -1.19 10.85
CA VAL A 362 -18.46 -1.13 10.24
C VAL A 362 -17.59 -2.17 10.93
N ILE A 363 -16.84 -2.98 10.16
CA ILE A 363 -15.94 -3.99 10.73
C ILE A 363 -14.63 -3.35 11.21
N ASP A 364 -14.26 -3.60 12.47
CA ASP A 364 -12.95 -3.27 13.01
C ASP A 364 -12.07 -4.55 12.91
N HIS A 365 -11.15 -4.55 11.96
CA HIS A 365 -10.29 -5.72 11.71
C HIS A 365 -9.32 -6.07 12.84
N THR A 366 -9.09 -5.14 13.75
CA THR A 366 -8.16 -5.35 14.83
C THR A 366 -8.79 -6.16 15.98
N LEU A 367 -10.12 -6.16 16.05
CA LEU A 367 -10.79 -6.77 17.21
C LEU A 367 -10.71 -8.29 17.14
N PRO A 368 -10.36 -8.95 18.28
CA PRO A 368 -10.41 -10.40 18.32
C PRO A 368 -11.85 -10.90 18.40
N THR A 369 -12.06 -12.18 18.14
CA THR A 369 -13.41 -12.76 18.20
C THR A 369 -13.90 -12.70 19.64
N PRO A 370 -15.22 -12.53 19.87
CA PRO A 370 -15.76 -12.50 21.26
C PRO A 370 -15.30 -13.67 22.16
N GLU A 371 -15.14 -14.85 21.56
CA GLU A 371 -14.71 -16.07 22.28
C GLU A 371 -13.34 -15.93 22.94
N ALA A 372 -12.56 -14.92 22.51
CA ALA A 372 -11.24 -14.58 23.09
C ALA A 372 -11.32 -13.91 24.48
N ALA A 373 -12.50 -13.40 24.85
CA ALA A 373 -12.74 -12.69 26.12
C ALA A 373 -12.18 -13.45 27.31
N GLU A 374 -12.35 -14.76 27.28
CA GLU A 374 -11.73 -15.73 28.19
C GLU A 374 -10.24 -15.47 28.50
N PHE A 375 -9.47 -15.06 27.48
CA PHE A 375 -8.02 -14.81 27.62
C PHE A 375 -7.67 -13.34 27.80
N LEU A 376 -8.68 -12.46 27.74
CA LEU A 376 -8.51 -11.00 27.83
C LEU A 376 -9.23 -10.42 29.03
N THR B 29 2.66 3.60 -20.40
CA THR B 29 3.03 2.16 -20.22
C THR B 29 3.71 1.91 -18.85
N LEU B 30 4.66 2.76 -18.51
CA LEU B 30 5.31 2.79 -17.19
C LEU B 30 4.39 3.47 -16.14
N ASN B 31 4.00 2.72 -15.10
CA ASN B 31 3.03 3.22 -14.08
C ASN B 31 1.74 3.83 -14.69
N PRO B 32 1.02 3.04 -15.52
CA PRO B 32 -0.11 3.60 -16.28
C PRO B 32 -1.27 4.02 -15.37
N SER B 33 -1.34 3.42 -14.18
CA SER B 33 -2.31 3.82 -13.17
C SER B 33 -1.95 5.16 -12.53
N ALA B 34 -0.73 5.65 -12.78
CA ALA B 34 -0.23 6.92 -12.21
C ALA B 34 -0.38 6.95 -10.69
N ARG B 35 -0.16 5.80 -10.05
CA ARG B 35 -0.24 5.68 -8.59
C ARG B 35 1.09 6.00 -7.93
N ILE B 36 1.03 6.48 -6.70
CA ILE B 36 2.23 6.80 -5.92
C ILE B 36 3.10 5.56 -5.68
N MET B 37 4.36 5.61 -6.11
CA MET B 37 5.28 4.49 -5.92
C MET B 37 6.26 4.75 -4.77
N THR B 38 6.72 3.66 -4.16
CA THR B 38 7.66 3.68 -3.05
C THR B 38 8.86 2.86 -3.51
N PHE B 39 10.05 3.31 -3.14
CA PHE B 39 11.32 2.70 -3.56
C PHE B 39 12.20 2.51 -2.34
N TYR B 40 13.03 1.47 -2.39
CA TYR B 40 13.89 1.05 -1.26
C TYR B 40 15.33 0.88 -1.75
N PRO B 41 16.02 2.01 -2.01
CA PRO B 41 17.38 1.90 -2.55
C PRO B 41 18.35 1.24 -1.60
N THR B 42 19.31 0.52 -2.17
CA THR B 42 20.48 0.06 -1.44
C THR B 42 21.40 1.26 -1.26
N MET B 43 22.40 1.13 -0.39
CA MET B 43 23.31 2.23 -0.11
C MET B 43 24.09 2.67 -1.36
N GLU B 44 24.44 1.70 -2.20
CA GLU B 44 25.16 1.93 -3.44
C GLU B 44 24.29 2.67 -4.48
N GLU B 45 23.00 2.36 -4.53
CA GLU B 45 22.07 3.10 -5.40
C GLU B 45 21.71 4.50 -4.86
N PHE B 46 21.67 4.59 -3.53
CA PHE B 46 21.33 5.82 -2.82
C PHE B 46 22.41 6.92 -2.97
N ARG B 47 23.66 6.52 -3.15
CA ARG B 47 24.77 7.48 -3.18
C ARG B 47 24.67 8.59 -4.24
N ASN B 48 24.30 8.26 -5.47
CA ASN B 48 24.10 9.28 -6.52
C ASN B 48 22.63 9.74 -6.60
N PHE B 49 22.35 10.91 -6.04
CA PHE B 49 21.01 11.46 -5.94
C PHE B 49 20.30 11.62 -7.30
N SER B 50 20.94 12.37 -8.19
CA SER B 50 20.33 12.71 -9.47
C SER B 50 20.11 11.47 -10.35
N ARG B 51 21.01 10.49 -10.23
CA ARG B 51 20.91 9.25 -10.97
C ARG B 51 19.76 8.37 -10.42
N TYR B 52 19.48 8.47 -9.12
CA TYR B 52 18.38 7.73 -8.54
C TYR B 52 17.02 8.32 -8.88
N ILE B 53 16.96 9.64 -9.09
CA ILE B 53 15.74 10.30 -9.59
C ILE B 53 15.48 9.89 -11.05
N ALA B 54 16.53 9.87 -11.85
CA ALA B 54 16.46 9.37 -13.22
C ALA B 54 15.94 7.91 -13.23
N TYR B 55 16.44 7.08 -12.30
CA TYR B 55 15.94 5.69 -12.13
C TYR B 55 14.45 5.55 -11.81
N ILE B 56 13.99 6.27 -10.79
CA ILE B 56 12.58 6.16 -10.38
C ILE B 56 11.64 6.69 -11.45
N GLU B 57 12.09 7.67 -12.23
CA GLU B 57 11.37 8.13 -13.43
C GLU B 57 11.34 7.09 -14.55
N SER B 58 12.43 6.35 -14.72
CA SER B 58 12.43 5.21 -15.65
C SER B 58 11.40 4.13 -15.23
N GLN B 59 11.01 4.14 -13.96
CA GLN B 59 9.97 3.26 -13.42
C GLN B 59 8.54 3.85 -13.49
N GLY B 60 8.43 5.11 -13.92
CA GLY B 60 7.15 5.81 -14.06
C GLY B 60 6.71 6.63 -12.86
N ALA B 61 7.58 6.78 -11.86
CA ALA B 61 7.22 7.39 -10.55
C ALA B 61 6.62 8.78 -10.72
N HIS B 62 7.18 9.50 -11.68
CA HIS B 62 6.81 10.89 -11.93
C HIS B 62 5.37 11.09 -12.36
N ARG B 63 4.76 10.03 -12.88
CA ARG B 63 3.39 10.15 -13.39
C ARG B 63 2.37 10.51 -12.32
N ALA B 64 2.60 10.03 -11.11
CA ALA B 64 1.75 10.27 -9.97
C ALA B 64 1.90 11.67 -9.40
N GLY B 65 3.04 12.29 -9.67
CA GLY B 65 3.37 13.62 -9.16
C GLY B 65 4.14 13.65 -7.85
N LEU B 66 4.18 12.51 -7.18
CA LEU B 66 4.72 12.34 -5.86
C LEU B 66 5.18 10.87 -5.74
N ALA B 67 6.36 10.67 -5.16
CA ALA B 67 6.98 9.35 -4.89
C ALA B 67 7.56 9.32 -3.48
N LYS B 68 7.59 8.14 -2.86
CA LYS B 68 8.26 7.95 -1.56
C LYS B 68 9.53 7.16 -1.79
N VAL B 69 10.61 7.60 -1.14
CA VAL B 69 11.87 6.86 -1.09
C VAL B 69 12.25 6.55 0.35
N VAL B 70 12.35 5.26 0.68
CA VAL B 70 12.78 4.85 2.01
C VAL B 70 14.31 4.63 2.00
N PRO B 71 15.07 5.43 2.79
CA PRO B 71 16.53 5.29 2.71
C PRO B 71 17.02 3.98 3.32
N PRO B 72 18.23 3.56 2.93
CA PRO B 72 18.79 2.39 3.56
C PRO B 72 18.84 2.52 5.09
N LYS B 73 18.58 1.41 5.79
CA LYS B 73 18.54 1.39 7.25
C LYS B 73 19.84 1.90 7.84
N GLU B 74 20.94 1.69 7.13
CA GLU B 74 22.29 2.08 7.56
C GLU B 74 22.47 3.60 7.61
N TRP B 75 21.66 4.32 6.82
CA TRP B 75 21.80 5.76 6.63
C TRP B 75 20.99 6.57 7.67
N LYS B 76 21.66 7.53 8.30
CA LYS B 76 21.03 8.52 9.18
C LYS B 76 21.68 9.89 8.91
N PRO B 77 20.85 10.96 8.77
CA PRO B 77 21.42 12.26 8.44
C PRO B 77 22.00 13.04 9.63
N ARG B 78 21.78 12.52 10.84
CA ARG B 78 22.14 13.18 12.09
C ARG B 78 22.15 12.12 13.19
N ALA B 79 23.11 12.23 14.11
CA ALA B 79 23.24 11.29 15.25
C ALA B 79 22.04 11.34 16.20
N SER B 80 21.62 12.55 16.60
CA SER B 80 20.44 12.69 17.45
C SER B 80 19.82 14.06 17.32
N TYR B 81 18.56 14.17 17.72
CA TYR B 81 17.79 15.41 17.62
C TYR B 81 17.51 15.99 19.00
N ASP B 82 18.38 15.64 19.96
CA ASP B 82 18.17 16.02 21.35
C ASP B 82 18.82 17.37 21.70
N ASP B 83 19.44 18.00 20.71
CA ASP B 83 20.19 19.24 20.90
C ASP B 83 19.62 20.45 20.14
N ILE B 84 18.41 20.36 19.63
CA ILE B 84 17.84 21.44 18.79
C ILE B 84 16.72 22.21 19.48
N ASP B 85 16.57 22.02 20.79
CA ASP B 85 15.47 22.64 21.56
C ASP B 85 15.52 24.15 21.64
N ASP B 86 16.73 24.70 21.55
CA ASP B 86 16.93 26.14 21.60
C ASP B 86 16.92 26.75 20.18
N LEU B 87 16.67 25.94 19.16
CA LEU B 87 16.54 26.43 17.78
C LEU B 87 15.35 27.39 17.68
N VAL B 88 15.58 28.57 17.08
CA VAL B 88 14.56 29.62 16.98
C VAL B 88 13.77 29.44 15.69
N ILE B 89 12.43 29.36 15.86
CA ILE B 89 11.45 29.46 14.78
C ILE B 89 11.05 30.94 14.74
N PRO B 90 11.65 31.72 13.82
CA PRO B 90 11.48 33.18 13.91
C PRO B 90 10.10 33.76 13.54
N ALA B 91 9.34 33.04 12.73
CA ALA B 91 8.03 33.53 12.27
C ALA B 91 7.01 32.40 12.22
N PRO B 92 6.59 31.90 13.39
CA PRO B 92 5.57 30.86 13.37
C PRO B 92 4.26 31.39 12.79
N ILE B 93 3.50 30.55 12.11
CA ILE B 93 2.26 31.03 11.49
C ILE B 93 1.05 30.31 12.12
N GLN B 94 0.11 31.09 12.67
CA GLN B 94 -1.17 30.53 13.06
C GLN B 94 -2.02 30.39 11.81
N GLN B 95 -2.55 29.18 11.57
CA GLN B 95 -3.25 28.87 10.32
C GLN B 95 -4.76 28.94 10.50
N LEU B 96 -5.31 30.10 10.18
CA LEU B 96 -6.75 30.32 10.19
C LEU B 96 -7.38 29.92 8.85
N VAL B 97 -8.41 29.09 8.93
CA VAL B 97 -9.02 28.52 7.75
C VAL B 97 -10.52 28.87 7.75
N THR B 98 -10.96 29.44 6.64
CA THR B 98 -12.35 29.77 6.42
C THR B 98 -12.89 28.98 5.20
N GLY B 99 -14.05 28.37 5.37
CA GLY B 99 -14.72 27.71 4.26
C GLY B 99 -15.72 26.67 4.65
N GLN B 100 -16.21 25.93 3.65
CA GLN B 100 -17.24 24.93 3.84
C GLN B 100 -17.34 24.00 2.61
N SER B 101 -17.97 22.84 2.78
CA SER B 101 -18.25 21.92 1.68
C SER B 101 -16.99 21.52 0.92
N GLY B 102 -15.90 21.27 1.65
CA GLY B 102 -14.65 20.81 1.06
C GLY B 102 -13.77 21.86 0.41
N LEU B 103 -14.17 23.13 0.49
CA LEU B 103 -13.45 24.24 -0.17
C LEU B 103 -13.10 25.32 0.85
N PHE B 104 -11.79 25.58 1.05
CA PHE B 104 -11.31 26.48 2.11
C PHE B 104 -10.22 27.43 1.63
N THR B 105 -10.09 28.55 2.33
CA THR B 105 -8.96 29.47 2.20
C THR B 105 -8.26 29.52 3.54
N GLN B 106 -6.94 29.30 3.52
CA GLN B 106 -6.07 29.39 4.68
C GLN B 106 -5.38 30.75 4.75
N TYR B 107 -5.48 31.41 5.90
CA TYR B 107 -4.86 32.70 6.18
C TYR B 107 -3.78 32.48 7.22
N ASN B 108 -2.54 32.78 6.88
CA ASN B 108 -1.40 32.46 7.69
C ASN B 108 -0.97 33.69 8.47
N ILE B 109 -1.27 33.70 9.77
CA ILE B 109 -1.03 34.82 10.68
C ILE B 109 0.31 34.65 11.39
N GLN B 110 1.24 35.57 11.19
CA GLN B 110 2.55 35.50 11.82
C GLN B 110 2.48 35.77 13.32
N LYS B 111 3.05 34.86 14.10
CA LYS B 111 3.11 35.04 15.54
C LYS B 111 4.55 35.36 15.94
N LYS B 112 4.75 35.67 17.22
CA LYS B 112 6.08 35.98 17.75
C LYS B 112 6.98 34.74 17.70
N ALA B 113 8.28 35.00 17.50
CA ALA B 113 9.34 33.98 17.52
C ALA B 113 9.21 33.09 18.73
N MET B 114 9.61 31.85 18.57
CA MET B 114 9.58 30.89 19.65
C MET B 114 10.62 29.83 19.36
N THR B 115 11.03 29.12 20.40
CA THR B 115 12.00 28.06 20.23
C THR B 115 11.26 26.74 19.91
N VAL B 116 12.03 25.70 19.55
CA VAL B 116 11.49 24.36 19.34
C VAL B 116 10.89 23.77 20.61
N ARG B 117 11.55 23.97 21.75
CA ARG B 117 11.02 23.51 23.04
C ARG B 117 9.66 24.14 23.33
N GLU B 118 9.58 25.46 23.17
CA GLU B 118 8.32 26.20 23.34
C GLU B 118 7.24 25.72 22.35
N PHE B 119 7.64 25.41 21.13
CA PHE B 119 6.72 24.96 20.09
C PHE B 119 6.21 23.55 20.38
N ARG B 120 7.13 22.64 20.73
CA ARG B 120 6.75 21.25 21.15
C ARG B 120 5.79 21.20 22.32
N LYS B 121 5.95 22.12 23.28
CA LYS B 121 5.06 22.13 24.44
C LYS B 121 3.63 22.47 24.03
N ILE B 122 3.49 23.48 23.18
CA ILE B 122 2.18 23.84 22.61
C ILE B 122 1.59 22.71 21.75
N ALA B 123 2.43 22.09 20.91
CA ALA B 123 2.05 20.98 20.04
C ALA B 123 1.50 19.78 20.79
N ASN B 124 2.19 19.40 21.87
CA ASN B 124 1.88 18.20 22.62
C ASN B 124 0.87 18.45 23.73
N SER B 125 0.44 19.71 23.90
CA SER B 125 -0.54 20.06 24.92
C SER B 125 -1.89 19.46 24.57
N ASP B 126 -2.77 19.41 25.55
CA ASP B 126 -4.13 18.90 25.37
C ASP B 126 -4.87 19.69 24.32
N LYS B 127 -4.69 21.01 24.30
CA LYS B 127 -5.36 21.89 23.35
C LYS B 127 -5.07 21.56 21.88
N TYR B 128 -3.82 21.20 21.58
CA TYR B 128 -3.35 21.08 20.20
C TYR B 128 -2.89 19.70 19.78
N CYS B 129 -2.84 18.74 20.70
CA CYS B 129 -2.32 17.42 20.34
C CYS B 129 -3.28 16.64 19.45
N THR B 130 -2.74 15.57 18.86
CA THR B 130 -3.46 14.68 17.98
C THR B 130 -4.62 14.03 18.70
N PRO B 131 -5.82 14.01 18.08
CA PRO B 131 -6.91 13.27 18.71
C PRO B 131 -6.68 11.75 18.73
N ARG B 132 -7.42 11.04 19.55
CA ARG B 132 -7.35 9.58 19.57
C ARG B 132 -7.96 9.07 18.29
N TYR B 133 -7.40 7.99 17.76
CA TYR B 133 -7.92 7.44 16.52
C TYR B 133 -7.37 6.02 16.23
N SER B 134 -8.13 5.26 15.44
CA SER B 134 -7.77 3.89 15.07
C SER B 134 -7.02 3.82 13.72
N GLU B 135 -7.75 4.02 12.62
CA GLU B 135 -7.17 3.96 11.25
C GLU B 135 -6.80 5.36 10.79
N PHE B 136 -5.92 5.46 9.79
CA PHE B 136 -5.63 6.77 9.19
C PHE B 136 -6.87 7.44 8.60
N GLU B 137 -7.78 6.66 8.02
CA GLU B 137 -9.00 7.23 7.43
C GLU B 137 -9.79 8.00 8.48
N GLU B 138 -9.73 7.54 9.73
CA GLU B 138 -10.42 8.19 10.83
C GLU B 138 -9.82 9.56 11.08
N LEU B 139 -8.49 9.61 11.20
CA LEU B 139 -7.77 10.87 11.40
C LEU B 139 -7.93 11.84 10.22
N GLU B 140 -7.94 11.29 9.00
CA GLU B 140 -8.25 12.07 7.81
C GLU B 140 -9.60 12.76 7.89
N ARG B 141 -10.61 12.04 8.34
CA ARG B 141 -11.96 12.59 8.50
C ARG B 141 -12.04 13.69 9.56
N LYS B 142 -11.34 13.48 10.68
CA LYS B 142 -11.20 14.46 11.77
C LYS B 142 -10.51 15.75 11.31
N TYR B 143 -9.50 15.61 10.46
CA TYR B 143 -8.83 16.74 9.83
C TYR B 143 -9.78 17.62 8.98
N TRP B 144 -10.50 16.99 8.04
CA TRP B 144 -11.40 17.70 7.13
C TRP B 144 -12.65 18.26 7.81
N LYS B 145 -12.98 17.71 8.98
CA LYS B 145 -14.11 18.13 9.76
C LYS B 145 -13.77 19.30 10.71
N ASN B 146 -12.54 19.32 11.22
CA ASN B 146 -12.11 20.27 12.25
C ASN B 146 -11.07 21.32 11.78
N LEU B 147 -10.80 21.31 10.48
CA LEU B 147 -9.85 22.18 9.78
C LEU B 147 -9.98 23.68 10.13
N THR B 148 -11.23 24.12 10.33
CA THR B 148 -11.54 25.53 10.56
C THR B 148 -11.64 25.88 12.05
N PHE B 149 -11.51 24.87 12.91
CA PHE B 149 -11.59 25.07 14.34
C PHE B 149 -10.20 25.00 14.98
N ASN B 150 -10.04 25.69 16.11
CA ASN B 150 -8.82 25.61 16.94
C ASN B 150 -7.57 25.73 16.06
N PRO B 151 -7.37 26.90 15.44
CA PRO B 151 -6.27 27.09 14.49
C PRO B 151 -4.88 26.76 15.05
N PRO B 152 -4.14 25.85 14.39
CA PRO B 152 -2.85 25.46 14.89
C PRO B 152 -1.75 26.44 14.49
N ILE B 153 -0.56 26.22 15.02
CA ILE B 153 0.64 27.00 14.71
C ILE B 153 1.61 26.08 13.96
N TYR B 154 2.09 26.55 12.80
CA TYR B 154 3.04 25.81 11.96
C TYR B 154 4.38 26.57 11.99
N GLY B 155 5.42 25.89 12.46
CA GLY B 155 6.80 26.42 12.44
C GLY B 155 7.37 26.22 11.05
N ALA B 156 6.75 26.90 10.09
CA ALA B 156 6.96 26.72 8.67
C ALA B 156 8.06 27.65 8.10
N ASP B 157 8.72 27.19 7.05
CA ASP B 157 9.60 28.01 6.19
C ASP B 157 10.75 28.61 6.95
N VAL B 158 11.36 27.78 7.82
CA VAL B 158 12.51 28.17 8.67
C VAL B 158 13.82 27.85 7.93
N ASN B 159 14.63 28.88 7.70
CA ASN B 159 15.95 28.67 7.11
C ASN B 159 16.79 27.76 7.97
N GLY B 160 17.23 26.65 7.39
CA GLY B 160 18.14 25.76 8.09
C GLY B 160 18.14 24.33 7.64
N THR B 161 19.12 23.59 8.15
CA THR B 161 19.27 22.17 7.85
C THR B 161 19.52 21.50 9.17
N LEU B 162 18.98 20.29 9.37
CA LEU B 162 19.35 19.46 10.53
C LEU B 162 20.32 18.36 10.11
N TYR B 163 20.82 18.43 8.88
CA TYR B 163 21.83 17.47 8.44
C TYR B 163 23.16 17.80 9.07
N GLU B 164 23.85 16.78 9.55
CA GLU B 164 25.22 16.92 10.01
C GLU B 164 26.11 17.12 8.76
N LYS B 165 27.15 17.95 8.90
CA LYS B 165 27.86 18.52 7.75
C LYS B 165 28.55 17.47 6.85
N HIS B 166 28.84 16.28 7.38
CA HIS B 166 29.55 15.25 6.62
C HIS B 166 28.66 14.22 5.93
N VAL B 167 27.34 14.41 5.99
CA VAL B 167 26.41 13.50 5.34
C VAL B 167 26.39 13.81 3.85
N ASP B 168 26.90 12.88 3.05
CA ASP B 168 27.14 13.09 1.63
C ASP B 168 25.99 12.60 0.75
N GLU B 169 25.17 11.68 1.25
CA GLU B 169 24.09 11.10 0.44
C GLU B 169 22.79 11.85 0.75
N TRP B 170 22.11 12.29 -0.30
CA TRP B 170 20.79 12.91 -0.18
C TRP B 170 20.74 14.08 0.81
N ASN B 171 21.82 14.86 0.83
CA ASN B 171 21.92 16.03 1.70
C ASN B 171 21.15 17.18 1.09
N ILE B 172 20.02 17.54 1.72
CA ILE B 172 19.12 18.58 1.19
C ILE B 172 19.81 19.93 0.97
N GLY B 173 20.90 20.17 1.71
CA GLY B 173 21.72 21.37 1.56
C GLY B 173 22.64 21.35 0.34
N ARG B 174 22.94 20.17 -0.20
CA ARG B 174 23.82 20.04 -1.36
C ARG B 174 23.52 18.78 -2.22
N LEU B 175 22.39 18.81 -2.92
CA LEU B 175 21.91 17.67 -3.72
C LEU B 175 22.64 17.46 -5.05
N ARG B 176 23.28 18.52 -5.54
CA ARG B 176 24.10 18.48 -6.77
C ARG B 176 23.25 18.16 -8.01
N THR B 177 22.28 19.05 -8.27
CA THR B 177 21.40 18.96 -9.46
C THR B 177 21.68 20.19 -10.34
N ILE B 178 21.16 20.22 -11.56
CA ILE B 178 21.40 21.34 -12.45
C ILE B 178 20.76 22.65 -11.96
N LEU B 179 19.94 22.59 -10.91
CA LEU B 179 19.39 23.79 -10.29
C LEU B 179 20.50 24.69 -9.71
N ASP B 180 21.64 24.09 -9.37
CA ASP B 180 22.81 24.85 -8.90
C ASP B 180 23.34 25.85 -9.93
N LEU B 181 23.01 25.67 -11.21
CA LEU B 181 23.30 26.68 -12.26
C LEU B 181 22.89 28.10 -11.90
N VAL B 182 21.77 28.23 -11.19
CA VAL B 182 21.28 29.52 -10.73
C VAL B 182 22.29 30.25 -9.83
N GLU B 183 22.74 29.61 -8.76
CA GLU B 183 23.70 30.30 -7.89
C GLU B 183 25.09 30.34 -8.56
N LYS B 184 25.50 29.25 -9.20
CA LYS B 184 26.81 29.18 -9.87
C LYS B 184 27.00 30.27 -10.93
N GLU B 185 25.99 30.45 -11.79
CA GLU B 185 26.04 31.49 -12.84
C GLU B 185 25.80 32.90 -12.28
N SER B 186 24.76 33.07 -11.46
CA SER B 186 24.26 34.39 -11.09
C SER B 186 24.60 34.88 -9.67
N GLY B 187 24.91 33.94 -8.77
CA GLY B 187 25.15 34.28 -7.35
C GLY B 187 23.87 34.36 -6.53
N ILE B 188 22.74 34.07 -7.16
CA ILE B 188 21.43 34.32 -6.54
C ILE B 188 20.95 33.12 -5.72
N THR B 189 20.71 33.40 -4.43
CA THR B 189 20.10 32.48 -3.47
C THR B 189 18.62 32.78 -3.40
N ILE B 190 17.82 31.74 -3.46
CA ILE B 190 16.38 31.84 -3.36
C ILE B 190 16.10 30.93 -2.18
N GLU B 191 15.85 31.53 -1.03
CA GLU B 191 15.70 30.77 0.20
C GLU B 191 14.56 29.81 0.09
N GLY B 192 14.82 28.55 0.50
CA GLY B 192 13.85 27.46 0.39
C GLY B 192 13.84 26.72 -0.93
N VAL B 193 14.44 27.35 -1.96
CA VAL B 193 14.47 26.86 -3.34
C VAL B 193 15.83 26.22 -3.66
N ASN B 194 16.90 26.99 -3.53
CA ASN B 194 18.24 26.43 -3.56
C ASN B 194 18.91 26.49 -2.19
N THR B 195 18.12 26.76 -1.14
CA THR B 195 18.59 26.59 0.24
C THR B 195 17.54 25.75 0.97
N PRO B 196 17.94 25.07 2.05
CA PRO B 196 16.93 24.28 2.76
C PRO B 196 16.02 25.07 3.72
N TYR B 197 14.81 24.58 3.89
CA TYR B 197 13.80 25.08 4.83
C TYR B 197 13.37 23.94 5.77
N LEU B 198 13.18 24.24 7.05
CA LEU B 198 12.59 23.32 8.02
C LEU B 198 11.13 23.65 8.30
N TYR B 199 10.37 22.61 8.66
CA TYR B 199 8.92 22.71 8.93
C TYR B 199 8.62 21.94 10.21
N PHE B 200 8.34 22.66 11.29
CA PHE B 200 7.94 22.06 12.57
C PHE B 200 6.41 22.03 12.62
N GLY B 201 5.84 20.83 12.48
CA GLY B 201 4.39 20.64 12.44
C GLY B 201 3.79 20.29 13.80
N MET B 202 2.51 20.59 13.96
CA MET B 202 1.68 19.99 14.99
C MET B 202 0.44 19.45 14.29
N TRP B 203 -0.42 18.77 15.04
CA TRP B 203 -1.65 18.24 14.50
C TRP B 203 -2.43 19.33 13.76
N LYS B 204 -2.88 19.00 12.54
CA LYS B 204 -3.90 19.76 11.81
C LYS B 204 -3.27 20.93 11.03
N THR B 205 -1.95 21.06 11.10
CA THR B 205 -1.23 22.03 10.26
C THR B 205 -1.16 21.51 8.83
N SER B 206 -1.32 22.43 7.88
CA SER B 206 -1.64 22.11 6.50
C SER B 206 -0.70 22.78 5.51
N PHE B 207 -0.52 22.13 4.39
CA PHE B 207 0.02 22.76 3.23
C PHE B 207 -1.02 22.67 2.10
N ALA B 208 -1.37 23.86 1.60
CA ALA B 208 -2.38 24.04 0.57
C ALA B 208 -1.90 23.48 -0.75
N TRP B 209 -2.85 23.27 -1.66
CA TRP B 209 -2.60 22.84 -3.03
C TRP B 209 -1.67 23.76 -3.79
N HIS B 210 -0.60 23.18 -4.30
CA HIS B 210 0.39 23.93 -5.05
C HIS B 210 1.24 22.97 -5.85
N THR B 211 1.80 23.49 -6.95
CA THR B 211 3.04 22.97 -7.51
C THR B 211 4.21 23.80 -6.91
N GLU B 212 5.43 23.33 -7.15
CA GLU B 212 6.59 24.08 -6.70
C GLU B 212 6.78 25.31 -7.54
N ASP B 213 7.43 26.30 -6.96
CA ASP B 213 7.86 27.48 -7.69
C ASP B 213 8.59 27.04 -8.96
N MET B 214 8.24 27.69 -10.07
CA MET B 214 8.81 27.39 -11.39
C MET B 214 8.55 25.97 -11.85
N ASP B 215 7.55 25.33 -11.24
CA ASP B 215 7.19 23.94 -11.45
C ASP B 215 8.37 22.97 -11.30
N LEU B 216 9.18 23.24 -10.29
CA LEU B 216 10.35 22.45 -9.99
C LEU B 216 9.98 21.14 -9.28
N TYR B 217 10.98 20.29 -9.05
CA TYR B 217 10.85 19.18 -8.12
C TYR B 217 11.05 19.72 -6.70
N SER B 218 10.50 18.99 -5.72
CA SER B 218 10.90 19.14 -4.35
C SER B 218 11.30 17.80 -3.76
N ILE B 219 12.12 17.88 -2.71
CA ILE B 219 12.50 16.78 -1.85
C ILE B 219 12.04 17.15 -0.42
N ASN B 220 11.58 16.16 0.34
CA ASN B 220 11.04 16.37 1.69
C ASN B 220 11.40 15.18 2.57
N TYR B 221 12.27 15.42 3.54
CA TYR B 221 12.66 14.41 4.50
C TYR B 221 12.00 14.70 5.82
N LEU B 222 11.30 13.71 6.39
CA LEU B 222 10.73 13.82 7.73
C LEU B 222 11.77 13.33 8.75
N HIS B 223 12.42 14.27 9.41
CA HIS B 223 13.51 13.99 10.33
C HIS B 223 13.04 13.17 11.52
N PHE B 224 11.93 13.59 12.12
CA PHE B 224 11.39 12.94 13.29
C PHE B 224 9.93 13.31 13.46
N GLY B 225 9.27 12.60 14.38
CA GLY B 225 7.95 12.93 14.87
C GLY B 225 6.87 12.13 14.20
N GLU B 226 5.67 12.69 14.29
CA GLU B 226 4.47 12.08 13.75
C GLU B 226 4.36 12.24 12.23
N PRO B 227 3.56 11.40 11.57
CA PRO B 227 3.55 11.47 10.11
C PRO B 227 3.03 12.77 9.44
N LYS B 228 3.35 12.87 8.16
CA LYS B 228 2.86 13.88 7.27
C LYS B 228 2.10 13.13 6.17
N SER B 229 0.82 13.45 5.96
CA SER B 229 0.01 12.86 4.91
C SER B 229 -0.11 13.80 3.71
N TRP B 230 -0.15 13.20 2.53
CA TRP B 230 -0.06 13.92 1.26
C TRP B 230 -1.18 13.50 0.33
N TYR B 231 -1.62 14.46 -0.49
CA TYR B 231 -2.49 14.23 -1.63
C TYR B 231 -1.72 14.65 -2.86
N SER B 232 -1.91 13.96 -3.96
CA SER B 232 -1.20 14.29 -5.19
C SER B 232 -2.13 14.14 -6.40
N VAL B 233 -1.99 15.07 -7.34
CA VAL B 233 -2.63 15.01 -8.64
C VAL B 233 -1.57 14.76 -9.71
N PRO B 234 -1.80 13.73 -10.55
CA PRO B 234 -0.84 13.46 -11.63
C PRO B 234 -0.63 14.69 -12.50
N PRO B 235 0.63 15.07 -12.76
CA PRO B 235 0.92 16.20 -13.66
C PRO B 235 0.11 16.24 -14.95
N GLU B 236 -0.18 15.07 -15.50
CA GLU B 236 -1.01 14.92 -16.70
C GLU B 236 -2.48 15.25 -16.52
N HIS B 237 -2.95 15.40 -15.27
CA HIS B 237 -4.32 15.88 -15.04
C HIS B 237 -4.35 17.16 -14.21
N GLY B 238 -3.21 17.82 -14.07
CA GLY B 238 -3.07 19.03 -13.26
C GLY B 238 -3.84 20.25 -13.71
N LYS B 239 -4.00 20.42 -15.04
CA LYS B 239 -4.84 21.50 -15.62
C LYS B 239 -6.28 21.38 -15.15
N ARG B 240 -6.72 20.15 -14.99
CA ARG B 240 -8.05 19.79 -14.51
C ARG B 240 -8.27 20.31 -13.09
N LEU B 241 -7.31 20.10 -12.22
CA LEU B 241 -7.34 20.70 -10.92
C LEU B 241 -7.37 22.25 -10.97
N GLU B 242 -6.54 22.85 -11.82
CA GLU B 242 -6.54 24.31 -12.01
C GLU B 242 -7.87 24.88 -12.48
N ARG B 243 -8.50 24.22 -13.45
CA ARG B 243 -9.82 24.65 -13.94
C ARG B 243 -10.86 24.55 -12.84
N LEU B 244 -10.84 23.43 -12.13
CA LEU B 244 -11.73 23.22 -11.00
C LEU B 244 -11.58 24.35 -9.96
N ALA B 245 -10.34 24.60 -9.54
CA ALA B 245 -10.05 25.61 -8.52
C ALA B 245 -10.51 27.02 -8.95
N LYS B 246 -10.34 27.34 -10.24
CA LYS B 246 -10.76 28.63 -10.81
C LYS B 246 -12.28 28.75 -10.80
N GLY B 247 -12.98 27.66 -11.07
CA GLY B 247 -14.43 27.64 -10.95
C GLY B 247 -14.93 27.85 -9.53
N PHE B 248 -14.19 27.36 -8.53
CA PHE B 248 -14.58 27.51 -7.12
C PHE B 248 -14.17 28.84 -6.51
N PHE B 249 -13.07 29.39 -7.00
CA PHE B 249 -12.55 30.66 -6.50
C PHE B 249 -12.37 31.59 -7.68
N PRO B 250 -13.49 32.01 -8.31
CA PRO B 250 -13.42 32.83 -9.51
C PRO B 250 -12.92 34.25 -9.26
N GLY B 251 -13.12 34.75 -8.04
CA GLY B 251 -12.58 36.03 -7.63
C GLY B 251 -11.06 35.99 -7.64
N SER B 252 -10.51 35.01 -6.92
CA SER B 252 -9.07 34.79 -6.84
C SER B 252 -8.43 34.58 -8.21
N ALA B 253 -9.07 33.79 -9.05
CA ALA B 253 -8.61 33.55 -10.42
C ALA B 253 -8.61 34.83 -11.27
N GLN B 254 -9.56 35.74 -11.02
CA GLN B 254 -9.64 36.99 -11.81
C GLN B 254 -8.49 37.95 -11.48
N SER B 255 -8.05 37.95 -10.23
CA SER B 255 -6.94 38.79 -9.77
C SER B 255 -5.58 38.16 -10.02
N CYS B 256 -5.53 36.84 -10.06
CA CYS B 256 -4.29 36.18 -10.32
C CYS B 256 -4.48 34.84 -11.02
N GLU B 257 -4.03 34.76 -12.26
CA GLU B 257 -3.94 33.51 -13.02
C GLU B 257 -3.39 32.36 -12.18
N ALA B 258 -2.24 32.59 -11.57
CA ALA B 258 -1.54 31.60 -10.74
C ALA B 258 -1.84 31.72 -9.23
N PHE B 259 -3.10 31.91 -8.83
CA PHE B 259 -3.43 32.14 -7.42
C PHE B 259 -3.18 30.94 -6.49
N LEU B 260 -3.14 29.73 -7.05
CA LEU B 260 -2.80 28.55 -6.26
C LEU B 260 -1.37 28.66 -5.70
N ARG B 261 -0.52 29.47 -6.36
CA ARG B 261 0.85 29.72 -5.87
C ARG B 261 0.90 30.53 -4.61
N HIS B 262 -0.21 31.17 -4.24
CA HIS B 262 -0.29 31.89 -2.96
C HIS B 262 -0.33 30.93 -1.78
N LYS B 263 -0.57 29.64 -2.06
CA LYS B 263 -0.54 28.56 -1.09
C LYS B 263 -1.58 28.76 0.02
N MET B 264 -2.78 29.19 -0.38
CA MET B 264 -3.91 29.40 0.54
C MET B 264 -5.14 28.46 0.30
N THR B 265 -5.11 27.62 -0.74
CA THR B 265 -6.33 26.96 -1.23
C THR B 265 -6.37 25.50 -0.80
N LEU B 266 -7.35 25.17 0.04
CA LEU B 266 -7.51 23.82 0.56
C LEU B 266 -8.76 23.22 -0.08
N ILE B 267 -8.63 22.00 -0.59
CA ILE B 267 -9.70 21.31 -1.31
C ILE B 267 -9.68 19.85 -0.85
N SER B 268 -10.80 19.36 -0.34
CA SER B 268 -10.87 18.01 0.21
C SER B 268 -10.83 16.97 -0.89
N PRO B 269 -10.39 15.73 -0.58
CA PRO B 269 -10.46 14.61 -1.51
C PRO B 269 -11.87 14.22 -1.97
N LEU B 270 -12.86 14.51 -1.14
CA LEU B 270 -14.24 14.28 -1.51
C LEU B 270 -14.67 15.22 -2.63
N MET B 271 -14.17 16.44 -2.64
CA MET B 271 -14.44 17.37 -3.72
C MET B 271 -13.71 17.01 -5.02
N LEU B 272 -12.47 16.54 -4.91
CA LEU B 272 -11.73 16.07 -6.08
C LEU B 272 -12.43 14.86 -6.71
N LYS B 273 -12.88 13.94 -5.86
CA LYS B 273 -13.55 12.74 -6.30
C LYS B 273 -14.90 13.08 -6.96
N LYS B 274 -15.63 14.01 -6.35
CA LYS B 274 -16.92 14.50 -6.88
C LYS B 274 -16.82 15.15 -8.28
N TYR B 275 -15.71 15.84 -8.56
CA TYR B 275 -15.55 16.57 -9.81
C TYR B 275 -14.66 15.81 -10.79
N GLY B 276 -14.35 14.56 -10.46
CA GLY B 276 -13.60 13.70 -11.38
C GLY B 276 -12.12 13.99 -11.53
N ILE B 277 -11.50 14.57 -10.51
CA ILE B 277 -10.06 14.83 -10.52
C ILE B 277 -9.31 13.63 -9.94
N PRO B 278 -8.46 12.97 -10.76
CA PRO B 278 -7.67 11.87 -10.23
C PRO B 278 -6.61 12.32 -9.24
N PHE B 279 -6.46 11.55 -8.17
CA PHE B 279 -5.50 11.85 -7.16
C PHE B 279 -5.16 10.56 -6.43
N ASP B 280 -4.08 10.59 -5.66
CA ASP B 280 -3.74 9.50 -4.77
C ASP B 280 -3.36 10.13 -3.43
N LYS B 281 -3.29 9.30 -2.39
CA LYS B 281 -2.81 9.74 -1.09
C LYS B 281 -1.68 8.86 -0.56
N VAL B 282 -0.84 9.42 0.29
CA VAL B 282 0.25 8.67 0.94
C VAL B 282 0.59 9.37 2.25
N THR B 283 0.96 8.58 3.24
CA THR B 283 1.45 9.07 4.51
C THR B 283 2.95 8.80 4.59
N GLN B 284 3.70 9.85 4.90
CA GLN B 284 5.13 9.84 5.08
C GLN B 284 5.44 9.66 6.59
N GLU B 285 6.32 8.72 6.91
CA GLU B 285 6.70 8.48 8.30
C GLU B 285 8.08 9.05 8.57
N ALA B 286 8.44 9.10 9.83
CA ALA B 286 9.77 9.62 10.22
C ALA B 286 10.81 8.75 9.54
N GLY B 287 11.82 9.40 8.95
CA GLY B 287 12.87 8.70 8.25
C GLY B 287 12.66 8.51 6.77
N GLU B 288 11.59 9.07 6.22
CA GLU B 288 11.23 8.86 4.82
C GLU B 288 11.31 10.15 4.05
N PHE B 289 11.68 10.03 2.76
CA PHE B 289 11.71 11.12 1.80
C PHE B 289 10.47 11.00 0.90
N MET B 290 9.92 12.15 0.56
CA MET B 290 8.97 12.30 -0.55
C MET B 290 9.61 13.18 -1.60
N ILE B 291 9.35 12.84 -2.86
CA ILE B 291 9.81 13.61 -4.02
C ILE B 291 8.53 14.08 -4.73
N THR B 292 8.44 15.38 -4.98
CA THR B 292 7.41 15.90 -5.87
C THR B 292 8.06 16.23 -7.21
N PHE B 293 7.27 16.03 -8.26
CA PHE B 293 7.71 16.12 -9.63
C PHE B 293 7.14 17.38 -10.30
N PRO B 294 7.84 17.89 -11.34
CA PRO B 294 7.34 19.06 -12.03
C PRO B 294 5.87 19.01 -12.41
N TYR B 295 5.15 20.07 -12.00
CA TYR B 295 3.71 20.25 -12.23
C TYR B 295 2.82 19.21 -11.50
N GLY B 296 3.38 18.63 -10.44
CA GLY B 296 2.64 17.73 -9.57
C GLY B 296 2.02 18.51 -8.42
N TYR B 297 0.71 18.67 -8.47
CA TYR B 297 -0.04 19.37 -7.40
C TYR B 297 -0.11 18.47 -6.20
N HIS B 298 0.22 19.03 -5.04
CA HIS B 298 0.14 18.31 -3.80
C HIS B 298 -0.37 19.23 -2.71
N ALA B 299 -1.00 18.61 -1.71
CA ALA B 299 -1.52 19.22 -0.48
C ALA B 299 -1.39 18.19 0.64
N GLY B 300 -1.57 18.63 1.87
CA GLY B 300 -1.62 17.69 2.97
C GLY B 300 -1.65 18.31 4.34
N PHE B 301 -1.36 17.47 5.33
CA PHE B 301 -1.40 17.86 6.74
C PHE B 301 -0.48 17.00 7.62
N ASN B 302 -0.08 17.59 8.74
CA ASN B 302 0.69 16.90 9.77
C ASN B 302 -0.20 16.29 10.82
N HIS B 303 0.17 15.10 11.25
CA HIS B 303 -0.57 14.33 12.23
C HIS B 303 -0.32 14.77 13.65
N GLY B 304 0.86 15.32 13.87
CA GLY B 304 1.29 15.70 15.21
C GLY B 304 2.63 16.36 15.15
N PHE B 305 3.27 16.48 16.30
CA PHE B 305 4.56 17.16 16.39
C PHE B 305 5.58 16.43 15.53
N ASN B 306 6.19 17.16 14.60
CA ASN B 306 7.20 16.58 13.73
C ASN B 306 8.12 17.65 13.17
N CYS B 307 9.10 17.21 12.37
CA CYS B 307 10.01 18.12 11.69
C CYS B 307 10.45 17.55 10.35
N ALA B 308 10.21 18.33 9.29
CA ALA B 308 10.57 18.00 7.93
C ALA B 308 11.52 19.05 7.38
N GLU B 309 12.38 18.63 6.45
CA GLU B 309 13.32 19.50 5.77
C GLU B 309 13.03 19.42 4.29
N SER B 310 13.10 20.55 3.59
CA SER B 310 12.73 20.57 2.18
C SER B 310 13.56 21.56 1.38
N THR B 311 13.64 21.29 0.08
CA THR B 311 14.21 22.23 -0.88
C THR B 311 13.71 21.82 -2.27
N ASN B 312 14.04 22.62 -3.27
CA ASN B 312 13.73 22.30 -4.65
C ASN B 312 14.98 21.75 -5.35
N PHE B 313 14.77 21.17 -6.53
CA PHE B 313 15.85 20.66 -7.34
C PHE B 313 15.35 20.47 -8.76
N ALA B 314 16.26 20.17 -9.68
CA ALA B 314 15.93 20.09 -11.11
C ALA B 314 16.58 18.87 -11.73
N THR B 315 15.96 18.40 -12.82
CA THR B 315 16.59 17.53 -13.81
C THR B 315 16.52 18.26 -15.16
N ARG B 316 17.10 17.69 -16.21
CA ARG B 316 17.00 18.26 -17.57
C ARG B 316 15.56 18.34 -18.09
N ARG B 317 14.71 17.42 -17.62
CA ARG B 317 13.29 17.41 -17.96
C ARG B 317 12.55 18.67 -17.43
N TRP B 318 12.97 19.16 -16.28
CA TRP B 318 12.37 20.38 -15.73
C TRP B 318 12.52 21.65 -16.62
N ILE B 319 13.56 21.75 -17.43
CA ILE B 319 13.84 23.03 -18.13
C ILE B 319 12.61 23.53 -18.93
N GLU B 320 11.96 22.63 -19.63
CA GLU B 320 10.75 22.94 -20.38
C GLU B 320 9.56 23.31 -19.48
N TYR B 321 9.47 22.70 -18.31
CA TYR B 321 8.48 23.11 -17.30
C TYR B 321 8.69 24.54 -16.80
N GLY B 322 9.95 24.88 -16.52
CA GLY B 322 10.32 26.20 -16.09
C GLY B 322 10.07 27.26 -17.13
N LYS B 323 10.27 26.90 -18.39
CA LYS B 323 10.03 27.80 -19.52
C LYS B 323 8.54 28.13 -19.67
N GLN B 324 7.71 27.16 -19.34
CA GLN B 324 6.26 27.26 -19.50
C GLN B 324 5.47 27.54 -18.22
N ALA B 325 6.14 27.63 -17.06
CA ALA B 325 5.46 27.83 -15.78
C ALA B 325 4.61 29.11 -15.81
N VAL B 326 3.36 28.99 -15.37
CA VAL B 326 2.45 30.13 -15.20
C VAL B 326 2.78 30.71 -13.86
N LEU B 327 3.16 31.98 -13.87
CA LEU B 327 3.75 32.59 -12.70
C LEU B 327 2.73 33.54 -12.09
N CYS B 328 2.86 33.71 -10.78
CA CYS B 328 2.09 34.68 -10.06
C CYS B 328 2.47 36.11 -10.42
N SER B 329 1.47 36.86 -10.86
CA SER B 329 1.60 38.28 -11.25
C SER B 329 1.57 39.27 -10.07
N CYS B 330 0.61 39.06 -9.17
CA CYS B 330 0.12 40.07 -8.25
C CYS B 330 0.92 40.38 -6.99
N ARG B 331 1.99 39.64 -6.73
CA ARG B 331 2.71 39.79 -5.46
C ARG B 331 4.17 40.13 -5.69
N LYS B 332 4.75 40.83 -4.71
CA LYS B 332 6.20 41.03 -4.61
C LYS B 332 6.83 39.83 -3.91
N ASP B 333 8.14 39.65 -4.08
CA ASP B 333 8.92 38.56 -3.44
C ASP B 333 8.62 37.12 -3.92
N MET B 334 7.81 36.97 -4.97
CA MET B 334 7.49 35.66 -5.52
C MET B 334 8.71 35.14 -6.26
N VAL B 335 8.89 33.83 -6.25
CA VAL B 335 10.07 33.22 -6.85
C VAL B 335 9.94 33.22 -8.37
N LYS B 336 10.93 33.85 -9.00
CA LYS B 336 11.09 33.79 -10.44
C LYS B 336 12.53 33.45 -10.72
N ILE B 337 12.72 32.53 -11.67
CA ILE B 337 14.03 32.11 -12.15
C ILE B 337 14.10 32.44 -13.64
N SER B 338 15.13 33.16 -14.03
CA SER B 338 15.48 33.35 -15.43
C SER B 338 15.85 31.99 -16.06
N MET B 339 15.15 31.61 -17.13
CA MET B 339 15.44 30.32 -17.79
C MET B 339 16.55 30.41 -18.81
N ASP B 340 16.98 31.62 -19.09
CA ASP B 340 17.95 31.90 -20.13
C ASP B 340 19.22 31.03 -20.01
N VAL B 341 19.80 30.93 -18.81
CA VAL B 341 21.01 30.12 -18.57
C VAL B 341 20.80 28.63 -18.89
N PHE B 342 19.61 28.12 -18.58
CA PHE B 342 19.27 26.71 -18.83
C PHE B 342 19.02 26.40 -20.32
N VAL B 343 18.34 27.31 -21.02
CA VAL B 343 18.11 27.16 -22.46
C VAL B 343 19.43 27.28 -23.23
N ARG B 344 20.24 28.23 -22.85
CA ARG B 344 21.55 28.42 -23.48
C ARG B 344 22.45 27.19 -23.36
N LYS B 345 22.55 26.62 -22.16
CA LYS B 345 23.41 25.45 -21.92
C LYS B 345 22.84 24.13 -22.47
N PHE B 346 21.54 23.88 -22.28
CA PHE B 346 20.95 22.56 -22.52
C PHE B 346 20.11 22.49 -23.79
N GLN B 347 19.73 23.65 -24.33
CA GLN B 347 18.96 23.72 -25.59
C GLN B 347 19.50 24.82 -26.50
N PRO B 348 20.81 24.83 -26.79
CA PRO B 348 21.37 25.88 -27.62
C PRO B 348 20.79 26.00 -29.02
N GLU B 349 20.27 24.89 -29.54
CA GLU B 349 19.62 24.88 -30.84
C GLU B 349 18.22 25.52 -30.81
N ARG B 350 17.58 25.56 -29.63
CA ARG B 350 16.26 26.21 -29.48
C ARG B 350 16.35 27.67 -28.97
N TYR B 351 17.56 28.11 -28.65
CA TYR B 351 17.75 29.36 -27.89
C TYR B 351 17.25 30.62 -28.61
N LYS B 352 17.63 30.76 -29.87
CA LYS B 352 17.25 31.89 -30.70
C LYS B 352 15.74 31.93 -30.94
N LEU B 353 15.16 30.75 -31.11
CA LEU B 353 13.71 30.53 -31.26
C LEU B 353 12.96 30.90 -29.99
N TRP B 354 13.41 30.38 -28.86
CA TRP B 354 12.81 30.65 -27.56
C TRP B 354 12.85 32.14 -27.19
N LYS B 355 14.03 32.73 -27.37
CA LYS B 355 14.27 34.15 -27.14
C LYS B 355 13.38 35.02 -28.03
N ALA B 356 13.09 34.55 -29.24
CA ALA B 356 12.19 35.24 -30.17
C ALA B 356 10.69 35.03 -29.86
N GLY B 357 10.39 34.20 -28.86
CA GLY B 357 9.01 33.88 -28.50
C GLY B 357 8.34 32.81 -29.35
N LYS B 358 9.11 32.09 -30.14
CA LYS B 358 8.57 31.15 -31.11
C LYS B 358 8.79 29.65 -30.75
N ASP B 359 9.10 29.35 -29.49
CA ASP B 359 9.30 27.95 -29.05
C ASP B 359 7.97 27.35 -28.56
N ASN B 360 7.37 26.51 -29.40
CA ASN B 360 6.02 25.99 -29.17
C ASN B 360 6.00 24.51 -28.74
N THR B 361 7.08 24.06 -28.11
CA THR B 361 7.19 22.72 -27.51
C THR B 361 6.02 22.43 -26.59
N VAL B 362 5.37 21.29 -26.79
CA VAL B 362 4.34 20.80 -25.88
C VAL B 362 4.99 19.77 -24.95
N ILE B 363 4.73 19.88 -23.64
CA ILE B 363 5.29 18.91 -22.69
C ILE B 363 4.46 17.63 -22.64
N ASP B 364 5.14 16.50 -22.75
CA ASP B 364 4.55 15.18 -22.51
C ASP B 364 4.90 14.77 -21.07
N HIS B 365 3.90 14.82 -20.18
CA HIS B 365 4.08 14.54 -18.75
C HIS B 365 4.41 13.09 -18.41
N THR B 366 4.24 12.16 -19.37
CA THR B 366 4.57 10.74 -19.18
C THR B 366 6.06 10.42 -19.43
N LEU B 367 6.76 11.26 -20.17
CA LEU B 367 8.15 10.98 -20.54
C LEU B 367 9.05 11.15 -19.30
N PRO B 368 9.93 10.16 -19.04
CA PRO B 368 10.97 10.35 -18.04
C PRO B 368 12.07 11.34 -18.49
N THR B 369 12.89 11.76 -17.54
CA THR B 369 13.95 12.68 -17.83
C THR B 369 14.99 11.95 -18.72
N PRO B 370 15.66 12.67 -19.65
CA PRO B 370 16.68 12.03 -20.52
C PRO B 370 17.76 11.22 -19.79
N GLU B 371 18.15 11.65 -18.58
CA GLU B 371 19.15 10.96 -17.75
C GLU B 371 18.73 9.51 -17.39
N ALA B 372 17.44 9.22 -17.58
CA ALA B 372 16.88 7.89 -17.34
C ALA B 372 17.19 6.87 -18.46
N ALA B 373 17.68 7.36 -19.60
CA ALA B 373 18.01 6.52 -20.78
C ALA B 373 18.94 5.35 -20.43
N GLU B 374 19.91 5.63 -19.56
CA GLU B 374 20.75 4.64 -18.87
C GLU B 374 20.02 3.35 -18.42
N PHE B 375 18.82 3.52 -17.86
CA PHE B 375 18.02 2.39 -17.33
C PHE B 375 16.94 1.89 -18.31
N LEU B 376 16.79 2.57 -19.44
CA LEU B 376 15.75 2.22 -20.44
C LEU B 376 16.43 1.86 -21.77
CA SER C 1 -29.42 -19.19 -1.42
C SER C 1 -27.98 -19.59 -1.04
N THR C 2 -27.83 -20.83 -0.57
CA THR C 2 -26.51 -21.38 -0.16
C THR C 2 -26.03 -22.50 -1.12
N GLY C 3 -24.71 -22.57 -1.31
CA GLY C 3 -24.13 -23.58 -2.18
C GLY C 3 -22.91 -23.14 -3.00
N GLY C 4 -22.60 -23.95 -4.01
CA GLY C 4 -21.45 -23.76 -4.88
C GLY C 4 -20.42 -24.87 -4.66
N VAL C 5 -19.20 -24.61 -5.12
CA VAL C 5 -18.04 -25.45 -4.85
C VAL C 5 -16.81 -24.54 -4.77
N LYS C 7 -13.71 -25.43 -5.63
CA LYS C 7 -12.93 -25.67 -6.87
C LYS C 7 -13.31 -24.62 -7.92
N PRO C 8 -12.36 -23.70 -8.28
CA PRO C 8 -12.66 -22.71 -9.34
C PRO C 8 -12.78 -23.39 -10.70
N HIS C 9 -13.45 -22.73 -11.65
CA HIS C 9 -13.64 -23.28 -13.01
C HIS C 9 -12.29 -23.48 -13.73
N ARG C 10 -12.04 -24.72 -14.16
CA ARG C 10 -10.89 -25.06 -15.00
C ARG C 10 -11.19 -24.72 -16.48
N TYR C 11 -10.12 -24.72 -17.29
CA TYR C 11 -10.16 -24.16 -18.65
C TYR C 11 -9.93 -25.21 -19.76
N SER D 1 15.52 38.05 -14.97
CA SER D 1 15.49 38.43 -13.52
C SER D 1 15.25 37.21 -12.60
N THR D 2 16.26 36.87 -11.79
CA THR D 2 16.18 35.76 -10.83
C THR D 2 16.17 36.25 -9.36
N GLY D 3 15.23 35.72 -8.58
CA GLY D 3 15.16 36.04 -7.15
C GLY D 3 13.89 35.58 -6.46
N GLY D 4 13.46 36.37 -5.47
CA GLY D 4 12.33 36.03 -4.62
C GLY D 4 12.73 35.18 -3.40
N VAL D 5 11.72 34.82 -2.60
CA VAL D 5 11.92 33.84 -1.53
C VAL D 5 10.75 32.85 -1.56
N LYS D 7 9.33 31.35 1.13
CA LYS D 7 8.37 31.74 2.18
C LYS D 7 7.30 32.68 1.58
N PRO D 8 6.00 32.24 1.57
CA PRO D 8 4.90 33.12 1.14
C PRO D 8 4.66 34.32 2.06
N HIS D 9 3.98 35.35 1.53
CA HIS D 9 3.54 36.52 2.32
C HIS D 9 2.68 36.09 3.51
N ARG D 10 3.10 36.49 4.71
CA ARG D 10 2.45 36.09 5.95
C ARG D 10 1.70 37.28 6.56
N TYR D 11 0.41 37.07 6.83
CA TYR D 11 -0.45 38.04 7.57
C TYR D 11 -0.04 38.21 9.05
#